data_7FIQ
#
_entry.id   7FIQ
#
_cell.length_a   203.195
_cell.length_b   203.195
_cell.length_c   77.899
_cell.angle_alpha   90.000
_cell.angle_beta   90.000
_cell.angle_gamma   90.000
#
_symmetry.space_group_name_H-M   'I 4'
#
loop_
_entity.id
_entity.type
_entity.pdbx_description
1 polymer 'Beta-1,2-mannobiose phosphorylase'
2 non-polymer alpha-D-mannopyranose
3 non-polymer GLYCEROL
4 non-polymer 'TRIETHYLENE GLYCOL'
5 non-polymer 'ZINC ION'
6 non-polymer 'PENTAETHYLENE GLYCOL'
7 water water
#
_entity_poly.entity_id   1
_entity_poly.type   'polypeptide(L)'
_entity_poly.pdbx_seq_one_letter_code
;GAGAGAGAGAGMFRLTRLSNKPILSPIKEHEWEKEAVFNAAVIYEGNKFHLFYRASNNKFVLNTEKPEEKYKFVSSIGYA
VSEDGINFERFDKPVLVGEIPQEAWGVEDPRITKIDNKYYMLYTGFGGRDWLDFRICMVWSDDLKNWKGHRIVLDEPNKD
AALLSEKINGKYVLFHRRMPDIWIAYSDDLVNWYNHKIIMSPKSHTWESKKIGIAGPPIKREDGWLLIYHGVDNNNVYRL
GVALLDLKDPSKVIARQKEPILEPELDWEINGLVPNVVFSCGAVEVNDMYYVYYGAADTHIGVAVIEKEKVKF
;
_entity_poly.pdbx_strand_id   C,B,A,D
#
loop_
_chem_comp.id
_chem_comp.type
_chem_comp.name
_chem_comp.formula
1PE non-polymer 'PENTAETHYLENE GLYCOL' 'C10 H22 O6'
GOL non-polymer GLYCEROL 'C3 H8 O3'
MAN D-saccharide, alpha linking alpha-D-mannopyranose 'C6 H12 O6'
PGE non-polymer 'TRIETHYLENE GLYCOL' 'C6 H14 O4'
ZN non-polymer 'ZINC ION' 'Zn 2'
#
# COMPACT_ATOMS: atom_id res chain seq x y z
N MET A 12 -24.24 12.73 -6.11
CA MET A 12 -23.95 11.65 -5.15
C MET A 12 -25.18 11.32 -4.31
N PHE A 13 -25.28 10.09 -3.83
CA PHE A 13 -26.47 9.67 -3.11
C PHE A 13 -26.10 8.83 -1.89
N ARG A 14 -27.08 8.66 -1.02
CA ARG A 14 -26.88 8.11 0.31
C ARG A 14 -28.07 7.22 0.66
N LEU A 15 -27.83 6.23 1.49
CA LEU A 15 -28.93 5.45 2.02
C LEU A 15 -29.56 6.19 3.19
N THR A 16 -30.85 5.97 3.38
CA THR A 16 -31.61 6.54 4.48
C THR A 16 -32.11 5.39 5.35
N ARG A 17 -31.75 5.42 6.63
CA ARG A 17 -32.17 4.39 7.56
C ARG A 17 -33.67 4.44 7.78
N LEU A 18 -34.30 3.27 7.84
CA LEU A 18 -35.74 3.21 8.09
C LEU A 18 -36.08 3.36 9.57
N SER A 19 -35.12 3.18 10.46
CA SER A 19 -35.31 3.22 11.89
C SER A 19 -34.05 3.79 12.51
N ASN A 20 -34.19 4.61 13.54
CA ASN A 20 -33.03 4.96 14.33
C ASN A 20 -32.70 3.90 15.39
N LYS A 21 -33.37 2.74 15.36
CA LYS A 21 -33.12 1.60 16.22
C LYS A 21 -32.94 0.35 15.36
N PRO A 22 -32.23 -0.65 15.87
CA PRO A 22 -32.09 -1.91 15.12
C PRO A 22 -33.45 -2.51 14.80
N ILE A 23 -33.51 -3.22 13.67
CA ILE A 23 -34.70 -4.01 13.37
C ILE A 23 -34.53 -5.44 13.87
N LEU A 24 -33.30 -5.91 14.04
CA LEU A 24 -33.04 -7.16 14.72
C LEU A 24 -31.89 -6.94 15.70
N SER A 25 -32.01 -7.56 16.86
CA SER A 25 -31.07 -7.40 17.94
C SER A 25 -30.84 -8.78 18.53
N PRO A 26 -29.74 -8.98 19.25
CA PRO A 26 -29.49 -10.32 19.81
C PRO A 26 -30.63 -10.73 20.71
N ILE A 27 -30.77 -12.02 20.88
CA ILE A 27 -31.81 -12.57 21.75
C ILE A 27 -31.10 -13.41 22.81
N LYS A 28 -31.12 -12.91 24.04
CA LYS A 28 -30.31 -13.48 25.10
C LYS A 28 -30.64 -14.94 25.36
N GLU A 29 -31.90 -15.35 25.20
CA GLU A 29 -32.26 -16.72 25.55
C GLU A 29 -31.91 -17.73 24.46
N HIS A 30 -31.47 -17.29 23.28
CA HIS A 30 -30.97 -18.20 22.24
C HIS A 30 -29.45 -18.11 22.24
N GLU A 31 -28.77 -19.18 22.67
CA GLU A 31 -27.32 -19.11 22.78
C GLU A 31 -26.70 -18.75 21.43
N TRP A 32 -27.21 -19.32 20.33
CA TRP A 32 -26.57 -19.14 19.03
C TRP A 32 -26.65 -17.71 18.53
N GLU A 33 -27.54 -16.88 19.07
CA GLU A 33 -27.64 -15.48 18.66
C GLU A 33 -27.66 -14.59 19.89
N LYS A 34 -26.97 -15.04 20.93
CA LYS A 34 -27.02 -14.42 22.25
C LYS A 34 -26.37 -13.04 22.28
N GLU A 35 -25.36 -12.80 21.44
CA GLU A 35 -24.58 -11.58 21.54
C GLU A 35 -24.59 -10.71 20.29
N ALA A 36 -24.91 -11.27 19.13
CA ALA A 36 -24.77 -10.51 17.90
C ALA A 36 -25.69 -11.11 16.86
N VAL A 37 -26.40 -10.24 16.16
CA VAL A 37 -27.02 -10.58 14.90
C VAL A 37 -26.64 -9.47 13.93
N PHE A 38 -26.13 -9.83 12.77
CA PHE A 38 -25.60 -8.81 11.87
C PHE A 38 -25.40 -9.43 10.49
N ASN A 39 -24.76 -8.68 9.59
CA ASN A 39 -24.33 -9.12 8.26
C ASN A 39 -25.22 -10.19 7.65
N ALA A 40 -26.40 -9.77 7.19
CA ALA A 40 -27.47 -10.64 6.77
C ALA A 40 -27.60 -10.67 5.25
N ALA A 41 -27.75 -11.87 4.69
CA ALA A 41 -28.22 -12.00 3.33
C ALA A 41 -29.72 -11.74 3.27
N VAL A 42 -30.20 -11.26 2.13
CA VAL A 42 -31.63 -11.06 1.98
C VAL A 42 -32.06 -11.42 0.57
N ILE A 43 -33.24 -12.03 0.47
CA ILE A 43 -33.87 -12.42 -0.78
C ILE A 43 -35.33 -11.99 -0.68
N TYR A 44 -35.82 -11.32 -1.72
CA TYR A 44 -37.24 -10.98 -1.81
C TYR A 44 -37.92 -11.99 -2.73
N GLU A 45 -38.65 -12.94 -2.14
CA GLU A 45 -39.40 -13.96 -2.86
C GLU A 45 -40.78 -14.08 -2.24
N GLY A 46 -41.78 -14.43 -3.05
CA GLY A 46 -43.13 -14.59 -2.53
C GLY A 46 -43.65 -13.34 -1.87
N ASN A 47 -43.24 -12.18 -2.38
CA ASN A 47 -43.44 -10.88 -1.74
C ASN A 47 -43.12 -10.90 -0.25
N LYS A 48 -42.03 -11.58 0.14
CA LYS A 48 -41.54 -11.49 1.49
C LYS A 48 -40.05 -11.24 1.50
N PHE A 49 -39.59 -10.46 2.47
CA PHE A 49 -38.17 -10.33 2.75
C PHE A 49 -37.70 -11.55 3.53
N HIS A 50 -36.80 -12.32 2.93
CA HIS A 50 -36.22 -13.49 3.57
C HIS A 50 -34.81 -13.13 3.99
N LEU A 51 -34.60 -13.03 5.29
CA LEU A 51 -33.37 -12.54 5.86
C LEU A 51 -32.62 -13.71 6.45
N PHE A 52 -31.34 -13.86 6.08
CA PHE A 52 -30.46 -14.89 6.62
C PHE A 52 -29.31 -14.13 7.28
N TYR A 53 -29.35 -14.04 8.59
CA TYR A 53 -28.45 -13.15 9.31
C TYR A 53 -27.37 -13.96 10.02
N ARG A 54 -26.17 -13.38 10.04
CA ARG A 54 -25.14 -13.93 10.88
C ARG A 54 -25.50 -13.72 12.35
N ALA A 55 -25.26 -14.73 13.17
CA ALA A 55 -25.51 -14.63 14.59
C ALA A 55 -24.33 -15.20 15.34
N SER A 56 -23.98 -14.59 16.47
CA SER A 56 -22.89 -15.08 17.29
C SER A 56 -23.34 -15.35 18.72
N ASN A 57 -22.80 -16.40 19.31
CA ASN A 57 -23.03 -16.71 20.71
C ASN A 57 -22.15 -15.91 21.66
N ASN A 58 -21.32 -15.01 21.16
CA ASN A 58 -20.28 -14.44 22.00
C ASN A 58 -19.78 -13.13 21.42
N LYS A 59 -19.21 -12.30 22.28
CA LYS A 59 -18.45 -11.13 21.86
C LYS A 59 -17.28 -11.58 20.98
N PHE A 60 -16.63 -10.61 20.35
CA PHE A 60 -15.58 -10.89 19.37
C PHE A 60 -14.26 -10.35 19.92
N VAL A 61 -13.41 -11.24 20.42
CA VAL A 61 -12.02 -10.89 20.73
C VAL A 61 -11.21 -11.21 19.49
N LEU A 62 -10.71 -10.18 18.83
CA LEU A 62 -10.09 -10.35 17.52
C LEU A 62 -8.61 -10.00 17.52
N ASN A 63 -8.07 -9.51 18.63
CA ASN A 63 -6.72 -8.98 18.67
C ASN A 63 -5.76 -9.92 19.40
N THR A 64 -6.14 -11.18 19.60
CA THR A 64 -5.22 -12.17 20.10
C THR A 64 -4.37 -12.72 18.95
N GLU A 65 -3.25 -13.32 19.31
CA GLU A 65 -2.32 -13.76 18.27
C GLU A 65 -2.88 -14.93 17.47
N LYS A 66 -3.72 -15.74 18.09
CA LYS A 66 -4.45 -16.79 17.41
C LYS A 66 -5.85 -16.81 18.01
N PRO A 67 -6.82 -17.38 17.31
CA PRO A 67 -8.16 -17.52 17.91
C PRO A 67 -8.09 -18.44 19.11
N GLU A 68 -8.48 -17.92 20.27
CA GLU A 68 -8.31 -18.62 21.54
C GLU A 68 -9.61 -19.30 21.96
N GLU A 69 -9.50 -20.55 22.41
CA GLU A 69 -10.66 -21.26 22.90
C GLU A 69 -11.40 -20.46 23.96
N LYS A 70 -10.66 -19.79 24.85
CA LYS A 70 -11.28 -19.04 25.92
C LYS A 70 -12.07 -17.84 25.42
N TYR A 71 -11.84 -17.40 24.19
CA TYR A 71 -12.63 -16.34 23.56
C TYR A 71 -13.38 -16.84 22.33
N LYS A 72 -13.70 -18.13 22.29
CA LYS A 72 -14.34 -18.67 21.11
C LYS A 72 -15.71 -18.03 20.91
N PHE A 73 -15.94 -17.54 19.70
CA PHE A 73 -17.27 -17.23 19.23
C PHE A 73 -17.63 -18.19 18.12
N VAL A 74 -18.93 -18.46 17.99
CA VAL A 74 -19.47 -19.37 16.99
C VAL A 74 -20.55 -18.62 16.23
N SER A 75 -20.36 -18.46 14.94
CA SER A 75 -21.35 -17.80 14.12
C SER A 75 -22.30 -18.82 13.53
N SER A 76 -23.58 -18.48 13.54
CA SER A 76 -24.64 -19.27 12.94
C SER A 76 -25.37 -18.36 11.99
N ILE A 77 -26.14 -18.96 11.07
CA ILE A 77 -27.04 -18.21 10.22
C ILE A 77 -28.45 -18.44 10.71
N GLY A 78 -29.09 -17.37 11.16
CA GLY A 78 -30.49 -17.42 11.47
C GLY A 78 -31.37 -16.98 10.31
N TYR A 79 -32.63 -17.37 10.38
CA TYR A 79 -33.62 -17.01 9.37
C TYR A 79 -34.67 -16.11 10.00
N ALA A 80 -35.12 -15.13 9.22
CA ALA A 80 -36.20 -14.27 9.64
C ALA A 80 -36.98 -13.88 8.38
N VAL A 81 -38.28 -13.64 8.55
CA VAL A 81 -39.13 -13.29 7.42
C VAL A 81 -39.94 -12.05 7.78
N SER A 82 -40.21 -11.23 6.78
CA SER A 82 -40.94 -9.99 6.98
C SER A 82 -41.79 -9.71 5.76
N GLU A 83 -42.95 -9.10 6.01
CA GLU A 83 -43.77 -8.60 4.92
C GLU A 83 -43.32 -7.21 4.46
N ASP A 84 -43.01 -6.34 5.41
CA ASP A 84 -42.76 -4.94 5.13
C ASP A 84 -41.28 -4.60 5.04
N GLY A 85 -40.39 -5.52 5.34
CA GLY A 85 -38.97 -5.22 5.36
C GLY A 85 -38.44 -4.64 6.65
N ILE A 86 -39.30 -4.44 7.65
CA ILE A 86 -38.91 -3.84 8.91
C ILE A 86 -39.24 -4.74 10.09
N ASN A 87 -40.40 -5.33 10.08
CA ASN A 87 -40.88 -6.15 11.19
C ASN A 87 -40.72 -7.61 10.80
N PHE A 88 -39.85 -8.32 11.50
CA PHE A 88 -39.47 -9.67 11.11
C PHE A 88 -39.97 -10.66 12.12
N GLU A 89 -40.44 -11.78 11.62
CA GLU A 89 -40.64 -12.95 12.44
C GLU A 89 -39.33 -13.75 12.48
N ARG A 90 -38.94 -14.16 13.68
CA ARG A 90 -37.71 -14.91 13.89
C ARG A 90 -38.05 -16.28 14.49
N PHE A 91 -37.02 -17.10 14.63
CA PHE A 91 -37.22 -18.52 14.89
C PHE A 91 -36.24 -18.99 15.95
N ASP A 92 -36.49 -20.19 16.44
CA ASP A 92 -35.81 -20.70 17.63
C ASP A 92 -34.42 -21.21 17.29
N LYS A 93 -34.27 -21.86 16.14
CA LYS A 93 -33.00 -22.45 15.75
C LYS A 93 -32.41 -21.77 14.53
N PRO A 94 -31.10 -21.73 14.41
CA PRO A 94 -30.48 -21.23 13.17
C PRO A 94 -30.72 -22.21 12.02
N VAL A 95 -30.60 -21.71 10.79
CA VAL A 95 -30.81 -22.55 9.63
C VAL A 95 -29.51 -23.04 9.00
N LEU A 96 -28.39 -22.42 9.34
CA LEU A 96 -27.09 -22.93 8.89
C LEU A 96 -26.12 -22.84 10.06
N VAL A 97 -25.38 -23.91 10.29
CA VAL A 97 -24.34 -23.94 11.31
C VAL A 97 -23.14 -24.61 10.66
N GLY A 98 -21.98 -24.43 11.29
CA GLY A 98 -20.75 -24.88 10.69
C GLY A 98 -20.54 -26.37 10.86
N GLU A 99 -19.96 -27.00 9.83
CA GLU A 99 -19.42 -28.33 10.00
C GLU A 99 -18.18 -28.28 10.87
N ILE A 100 -17.98 -29.33 11.64
CA ILE A 100 -16.80 -29.49 12.49
C ILE A 100 -15.81 -30.38 11.73
N PRO A 101 -14.51 -30.03 11.68
CA PRO A 101 -13.84 -28.90 12.30
C PRO A 101 -13.56 -27.70 11.39
N GLN A 102 -13.74 -27.82 10.08
CA GLN A 102 -13.32 -26.71 9.21
C GLN A 102 -14.11 -25.44 9.46
N GLU A 103 -15.31 -25.56 10.03
CA GLU A 103 -16.15 -24.40 10.30
C GLU A 103 -16.48 -24.33 11.78
N ALA A 104 -15.53 -24.73 12.64
CA ALA A 104 -15.83 -24.88 14.05
C ALA A 104 -16.19 -23.55 14.71
N TRP A 105 -15.68 -22.44 14.21
CA TRP A 105 -16.15 -21.17 14.73
C TRP A 105 -17.30 -20.63 13.91
N GLY A 106 -17.86 -21.42 13.01
CA GLY A 106 -19.15 -21.12 12.43
C GLY A 106 -19.11 -20.61 11.00
N VAL A 107 -20.24 -20.01 10.61
CA VAL A 107 -20.51 -19.63 9.23
C VAL A 107 -20.94 -18.16 9.22
N GLU A 108 -20.31 -17.36 8.37
CA GLU A 108 -20.36 -15.91 8.52
C GLU A 108 -20.73 -15.21 7.23
N ASP A 109 -21.37 -14.04 7.39
CA ASP A 109 -21.59 -13.08 6.32
C ASP A 109 -22.16 -13.71 5.05
N PRO A 110 -23.34 -14.33 5.14
CA PRO A 110 -23.90 -14.98 3.95
C PRO A 110 -24.29 -13.96 2.90
N ARG A 111 -24.01 -14.30 1.65
CA ARG A 111 -24.59 -13.63 0.49
C ARG A 111 -25.38 -14.66 -0.28
N ILE A 112 -26.65 -14.37 -0.56
CA ILE A 112 -27.51 -15.34 -1.24
C ILE A 112 -27.84 -14.80 -2.61
N THR A 113 -27.58 -15.61 -3.61
CA THR A 113 -27.88 -15.29 -4.98
C THR A 113 -28.80 -16.35 -5.53
N LYS A 114 -29.88 -15.92 -6.19
CA LYS A 114 -30.73 -16.81 -6.94
C LYS A 114 -30.22 -16.86 -8.37
N ILE A 115 -29.90 -18.06 -8.85
CA ILE A 115 -29.57 -18.28 -10.25
C ILE A 115 -30.45 -19.41 -10.77
N ASP A 116 -31.30 -19.11 -11.75
CA ASP A 116 -32.12 -20.13 -12.43
C ASP A 116 -32.81 -21.06 -11.43
N ASN A 117 -33.67 -20.47 -10.59
CA ASN A 117 -34.52 -21.25 -9.67
C ASN A 117 -33.71 -22.03 -8.63
N LYS A 118 -32.44 -21.67 -8.43
CA LYS A 118 -31.66 -22.22 -7.34
C LYS A 118 -31.07 -21.07 -6.53
N TYR A 119 -30.96 -21.30 -5.22
CA TYR A 119 -30.50 -20.30 -4.27
C TYR A 119 -29.14 -20.73 -3.77
N TYR A 120 -28.13 -19.89 -3.99
CA TYR A 120 -26.77 -20.19 -3.56
C TYR A 120 -26.38 -19.25 -2.44
N MET A 121 -26.01 -19.81 -1.30
CA MET A 121 -25.55 -19.06 -0.16
C MET A 121 -24.04 -19.21 -0.03
N LEU A 122 -23.34 -18.10 -0.18
CA LEU A 122 -21.91 -18.04 -0.05
C LEU A 122 -21.61 -17.41 1.30
N TYR A 123 -20.76 -18.07 2.06
CA TYR A 123 -20.48 -17.57 3.39
C TYR A 123 -19.02 -17.86 3.70
N THR A 124 -18.52 -17.21 4.74
CA THR A 124 -17.19 -17.49 5.23
C THR A 124 -17.29 -18.58 6.28
N GLY A 125 -16.72 -19.75 5.97
CA GLY A 125 -16.53 -20.76 6.99
C GLY A 125 -15.24 -20.48 7.74
N PHE A 126 -15.33 -20.44 9.06
CA PHE A 126 -14.22 -20.08 9.91
C PHE A 126 -14.01 -21.22 10.91
N GLY A 127 -12.81 -21.79 10.90
CA GLY A 127 -12.55 -22.95 11.73
C GLY A 127 -11.80 -22.62 13.00
N GLY A 128 -11.39 -21.36 13.13
CA GLY A 128 -10.78 -20.89 14.36
C GLY A 128 -9.41 -21.45 14.68
N ARG A 129 -8.82 -22.27 13.82
CA ARG A 129 -7.52 -22.84 14.15
C ARG A 129 -6.40 -21.82 14.04
N ASP A 130 -6.61 -20.77 13.26
CA ASP A 130 -5.70 -19.63 13.21
C ASP A 130 -6.46 -18.53 12.50
N TRP A 131 -5.88 -17.32 12.48
CA TRP A 131 -6.66 -16.21 11.97
C TRP A 131 -6.81 -16.22 10.44
N LEU A 132 -6.13 -17.14 9.75
CA LEU A 132 -6.33 -17.34 8.33
C LEU A 132 -7.18 -18.57 8.05
N ASP A 133 -7.75 -19.18 9.09
CA ASP A 133 -8.53 -20.40 8.95
C ASP A 133 -9.97 -20.11 8.53
N PHE A 134 -10.14 -19.27 7.51
CA PHE A 134 -11.45 -18.97 6.95
C PHE A 134 -11.42 -19.18 5.45
N ARG A 135 -12.59 -19.45 4.89
CA ARG A 135 -12.64 -19.65 3.45
C ARG A 135 -14.06 -19.39 2.96
N ILE A 136 -14.17 -19.14 1.66
CA ILE A 136 -15.46 -18.98 1.04
C ILE A 136 -16.07 -20.36 0.86
N CYS A 137 -17.21 -20.58 1.49
CA CYS A 137 -17.96 -21.81 1.27
C CYS A 137 -19.30 -21.51 0.62
N MET A 138 -19.87 -22.56 0.07
CA MET A 138 -21.11 -22.44 -0.66
C MET A 138 -22.01 -23.62 -0.34
N VAL A 139 -23.28 -23.33 -0.11
CA VAL A 139 -24.33 -24.32 -0.13
C VAL A 139 -25.43 -23.80 -1.03
N TRP A 140 -26.34 -24.69 -1.43
CA TRP A 140 -27.45 -24.25 -2.25
C TRP A 140 -28.70 -25.02 -1.87
N SER A 141 -29.82 -24.44 -2.29
CA SER A 141 -31.14 -25.03 -2.12
C SER A 141 -31.97 -24.64 -3.33
N ASP A 142 -33.11 -25.30 -3.52
CA ASP A 142 -34.10 -24.81 -4.45
C ASP A 142 -35.30 -24.23 -3.74
N ASP A 143 -35.24 -24.11 -2.42
CA ASP A 143 -36.40 -23.70 -1.64
C ASP A 143 -36.03 -22.78 -0.48
N LEU A 144 -34.76 -22.35 -0.37
CA LEU A 144 -34.28 -21.57 0.76
C LEU A 144 -34.41 -22.30 2.09
N LYS A 145 -34.69 -23.59 2.09
CA LYS A 145 -34.86 -24.30 3.35
C LYS A 145 -33.93 -25.50 3.46
N ASN A 146 -33.72 -26.23 2.38
CA ASN A 146 -32.95 -27.47 2.43
C ASN A 146 -31.62 -27.22 1.73
N TRP A 147 -30.65 -26.73 2.51
CA TRP A 147 -29.34 -26.36 1.98
C TRP A 147 -28.44 -27.58 1.83
N LYS A 148 -27.71 -27.66 0.73
CA LYS A 148 -26.92 -28.85 0.45
C LYS A 148 -25.72 -28.49 -0.42
N GLY A 149 -24.97 -29.54 -0.77
CA GLY A 149 -23.87 -29.41 -1.70
C GLY A 149 -22.74 -28.55 -1.17
N HIS A 150 -22.46 -28.62 0.14
CA HIS A 150 -21.43 -27.79 0.73
C HIS A 150 -20.12 -27.99 -0.02
N ARG A 151 -19.39 -26.90 -0.19
CA ARG A 151 -18.16 -26.93 -0.93
C ARG A 151 -17.36 -25.71 -0.53
N ILE A 152 -16.04 -25.86 -0.55
CA ILE A 152 -15.13 -24.73 -0.41
C ILE A 152 -14.95 -24.12 -1.79
N VAL A 153 -15.36 -22.85 -1.94
CA VAL A 153 -15.42 -22.24 -3.26
C VAL A 153 -14.02 -21.97 -3.78
N LEU A 154 -13.20 -21.30 -2.99
CA LEU A 154 -11.76 -21.19 -3.22
C LEU A 154 -11.04 -21.71 -1.99
N ASP A 155 -10.11 -22.63 -2.18
CA ASP A 155 -9.44 -23.25 -1.04
C ASP A 155 -8.23 -22.39 -0.69
N GLU A 156 -8.52 -21.29 -0.02
CA GLU A 156 -7.55 -20.25 0.27
C GLU A 156 -8.20 -19.29 1.26
N PRO A 157 -7.41 -18.56 2.04
CA PRO A 157 -8.00 -17.54 2.90
C PRO A 157 -8.58 -16.42 2.03
N ASN A 158 -9.90 -16.28 2.12
CA ASN A 158 -10.70 -15.43 1.25
C ASN A 158 -12.10 -15.33 1.87
N LYS A 159 -12.83 -14.32 1.44
CA LYS A 159 -14.15 -14.04 2.00
C LYS A 159 -14.82 -12.97 1.15
N ASP A 160 -15.84 -12.29 1.67
CA ASP A 160 -16.56 -11.28 0.92
C ASP A 160 -16.90 -11.79 -0.47
N ALA A 161 -17.59 -12.93 -0.50
CA ALA A 161 -17.90 -13.58 -1.77
C ALA A 161 -19.40 -13.49 -2.07
N ALA A 162 -19.70 -13.40 -3.36
CA ALA A 162 -21.08 -13.44 -3.81
C ALA A 162 -21.11 -13.92 -5.24
N LEU A 163 -22.18 -14.63 -5.61
CA LEU A 163 -22.40 -14.99 -7.01
C LEU A 163 -23.25 -13.92 -7.67
N LEU A 164 -22.96 -13.66 -8.95
CA LEU A 164 -23.88 -12.87 -9.77
C LEU A 164 -25.16 -13.66 -10.03
N SER A 165 -26.30 -12.97 -10.11
CA SER A 165 -27.58 -13.63 -10.32
C SER A 165 -27.78 -14.17 -11.73
N GLU A 166 -26.82 -13.99 -12.64
CA GLU A 166 -26.92 -14.56 -13.96
C GLU A 166 -25.56 -15.11 -14.36
N LYS A 167 -25.57 -16.02 -15.34
CA LYS A 167 -24.32 -16.36 -15.98
C LYS A 167 -23.93 -15.26 -16.96
N ILE A 168 -22.62 -15.18 -17.21
CA ILE A 168 -22.06 -14.32 -18.25
C ILE A 168 -21.39 -15.25 -19.25
N ASN A 169 -21.86 -15.20 -20.51
CA ASN A 169 -21.49 -16.14 -21.57
C ASN A 169 -21.38 -17.58 -21.04
N GLY A 170 -22.43 -18.03 -20.38
CA GLY A 170 -22.50 -19.37 -19.86
C GLY A 170 -21.73 -19.62 -18.58
N LYS A 171 -21.08 -18.61 -18.02
CA LYS A 171 -20.18 -18.80 -16.89
C LYS A 171 -20.80 -18.24 -15.62
N TYR A 172 -20.80 -19.02 -14.56
CA TYR A 172 -21.05 -18.47 -13.24
C TYR A 172 -19.98 -17.45 -12.89
N VAL A 173 -20.40 -16.40 -12.17
CA VAL A 173 -19.56 -15.25 -11.89
C VAL A 173 -19.46 -15.12 -10.37
N LEU A 174 -18.24 -15.17 -9.86
CA LEU A 174 -17.97 -15.10 -8.43
C LEU A 174 -17.21 -13.82 -8.14
N PHE A 175 -17.72 -13.04 -7.20
CA PHE A 175 -16.96 -11.93 -6.64
C PHE A 175 -16.30 -12.41 -5.36
N HIS A 176 -15.02 -12.13 -5.20
CA HIS A 176 -14.33 -12.56 -3.99
C HIS A 176 -13.30 -11.50 -3.64
N ARG A 177 -12.39 -11.84 -2.73
CA ARG A 177 -11.61 -10.77 -2.13
C ARG A 177 -10.28 -11.27 -1.59
N ARG A 178 -9.39 -11.66 -2.49
CA ARG A 178 -7.99 -11.73 -2.10
C ARG A 178 -7.59 -10.33 -1.66
N MET A 179 -7.13 -10.23 -0.43
CA MET A 179 -6.81 -8.95 0.20
C MET A 179 -5.96 -8.11 -0.74
N PRO A 180 -6.25 -6.81 -0.90
CA PRO A 180 -7.35 -6.01 -0.35
C PRO A 180 -8.42 -5.59 -1.38
N ASP A 181 -8.50 -6.26 -2.52
CA ASP A 181 -9.30 -5.84 -3.66
C ASP A 181 -10.54 -6.69 -3.83
N ILE A 182 -11.49 -6.15 -4.57
CA ILE A 182 -12.60 -6.97 -5.01
C ILE A 182 -12.12 -7.71 -6.25
N TRP A 183 -12.22 -9.02 -6.22
CA TRP A 183 -11.86 -9.85 -7.35
C TRP A 183 -13.13 -10.41 -7.97
N ILE A 184 -12.98 -10.85 -9.20
CA ILE A 184 -14.00 -11.58 -9.93
C ILE A 184 -13.37 -12.86 -10.45
N ALA A 185 -14.20 -13.86 -10.69
CA ALA A 185 -13.71 -15.10 -11.27
C ALA A 185 -14.92 -15.80 -11.87
N TYR A 186 -14.64 -16.83 -12.68
CA TYR A 186 -15.68 -17.46 -13.48
C TYR A 186 -15.62 -18.96 -13.34
N SER A 187 -16.76 -19.60 -13.59
CA SER A 187 -16.80 -21.05 -13.46
C SER A 187 -17.84 -21.63 -14.39
N ASP A 188 -17.51 -22.80 -14.93
CA ASP A 188 -18.42 -23.63 -15.70
C ASP A 188 -19.26 -24.56 -14.82
N ASP A 189 -18.82 -24.85 -13.61
CA ASP A 189 -19.46 -25.93 -12.87
C ASP A 189 -19.74 -25.59 -11.41
N LEU A 190 -19.53 -24.34 -10.97
CA LEU A 190 -19.69 -23.96 -9.57
C LEU A 190 -18.75 -24.73 -8.65
N VAL A 191 -17.65 -25.24 -9.21
CA VAL A 191 -16.66 -26.02 -8.49
C VAL A 191 -15.29 -25.38 -8.71
N ASN A 192 -14.92 -25.25 -9.98
CA ASN A 192 -13.61 -24.80 -10.42
C ASN A 192 -13.71 -23.41 -11.02
N TRP A 193 -12.84 -22.53 -10.55
CA TRP A 193 -12.93 -21.10 -10.80
C TRP A 193 -11.68 -20.64 -11.54
N TYR A 194 -11.86 -19.76 -12.51
CA TYR A 194 -10.74 -19.37 -13.32
C TYR A 194 -10.97 -17.94 -13.79
N ASN A 195 -10.06 -17.46 -14.63
CA ASN A 195 -10.13 -16.09 -15.16
C ASN A 195 -10.22 -15.06 -14.04
N HIS A 196 -9.53 -15.36 -12.94
CA HIS A 196 -9.42 -14.43 -11.82
C HIS A 196 -8.95 -13.07 -12.30
N LYS A 197 -9.54 -12.02 -11.74
CA LYS A 197 -9.23 -10.67 -12.18
C LYS A 197 -9.62 -9.73 -11.04
N ILE A 198 -8.74 -8.79 -10.72
CA ILE A 198 -9.13 -7.69 -9.84
C ILE A 198 -10.06 -6.77 -10.61
N ILE A 199 -11.19 -6.40 -10.00
CA ILE A 199 -12.10 -5.47 -10.66
C ILE A 199 -12.13 -4.11 -9.97
N MET A 200 -11.81 -4.05 -8.68
CA MET A 200 -11.87 -2.78 -7.99
C MET A 200 -10.92 -2.83 -6.82
N SER A 201 -10.37 -1.67 -6.48
CA SER A 201 -9.30 -1.59 -5.52
C SER A 201 -9.57 -0.48 -4.51
N PRO A 202 -8.98 -0.58 -3.32
CA PRO A 202 -9.10 0.52 -2.38
C PRO A 202 -8.39 1.75 -2.93
N LYS A 203 -8.73 2.91 -2.36
CA LYS A 203 -8.18 4.20 -2.77
C LYS A 203 -7.48 4.81 -1.57
N SER A 204 -6.22 5.17 -1.77
CA SER A 204 -5.41 5.64 -0.66
C SER A 204 -5.90 7.01 -0.19
N HIS A 205 -5.68 7.28 1.10
CA HIS A 205 -6.08 8.56 1.70
C HIS A 205 -7.57 8.83 1.52
N THR A 206 -8.38 7.77 1.58
CA THR A 206 -9.84 7.89 1.58
C THR A 206 -10.40 6.98 2.67
N TRP A 207 -11.73 7.06 2.83
CA TRP A 207 -12.42 6.17 3.73
C TRP A 207 -12.32 4.71 3.30
N GLU A 208 -11.84 4.44 2.09
CA GLU A 208 -11.78 3.08 1.56
C GLU A 208 -10.34 2.75 1.20
N SER A 209 -9.39 3.07 2.08
CA SER A 209 -7.97 2.91 1.77
C SER A 209 -7.42 1.53 2.15
N LYS A 210 -7.88 0.97 3.26
CA LYS A 210 -7.29 -0.27 3.76
C LYS A 210 -7.64 -1.43 2.85
N LYS A 211 -8.93 -1.62 2.60
CA LYS A 211 -9.39 -2.75 1.81
C LYS A 211 -10.82 -2.45 1.44
N ILE A 212 -11.34 -3.23 0.49
CA ILE A 212 -12.72 -3.15 0.08
C ILE A 212 -13.19 -4.58 -0.10
N GLY A 213 -14.50 -4.75 -0.16
CA GLY A 213 -15.06 -6.05 -0.42
C GLY A 213 -16.49 -5.86 -0.83
N ILE A 214 -17.00 -6.79 -1.66
CA ILE A 214 -18.38 -6.69 -2.10
C ILE A 214 -19.30 -6.70 -0.90
N ALA A 215 -20.42 -5.98 -0.99
CA ALA A 215 -21.46 -6.12 0.01
C ALA A 215 -22.33 -7.30 -0.37
N GLY A 216 -23.63 -7.08 -0.61
CA GLY A 216 -24.48 -8.10 -1.13
C GLY A 216 -24.22 -8.38 -2.61
N PRO A 217 -24.84 -9.41 -3.17
CA PRO A 217 -24.66 -9.69 -4.59
C PRO A 217 -25.14 -8.51 -5.40
N PRO A 218 -24.52 -8.23 -6.53
CA PRO A 218 -24.87 -7.03 -7.28
C PRO A 218 -26.29 -7.09 -7.78
N ILE A 219 -26.94 -5.93 -7.84
CA ILE A 219 -28.32 -5.83 -8.25
C ILE A 219 -28.38 -5.37 -9.70
N LYS A 220 -29.04 -6.17 -10.53
CA LYS A 220 -29.18 -5.84 -11.94
C LYS A 220 -29.98 -4.56 -12.14
N ARG A 221 -29.48 -3.71 -13.02
CA ARG A 221 -30.15 -2.49 -13.43
C ARG A 221 -30.15 -2.45 -14.94
N GLU A 222 -30.77 -1.42 -15.50
CA GLU A 222 -30.72 -1.28 -16.95
C GLU A 222 -29.37 -0.74 -17.39
N ASP A 223 -28.72 0.03 -16.54
CA ASP A 223 -27.47 0.69 -16.88
C ASP A 223 -26.24 -0.05 -16.35
N GLY A 224 -26.42 -1.19 -15.70
CA GLY A 224 -25.32 -1.95 -15.17
C GLY A 224 -25.73 -2.76 -13.96
N TRP A 225 -24.73 -3.32 -13.29
CA TRP A 225 -24.97 -4.03 -12.04
C TRP A 225 -24.62 -3.09 -10.89
N LEU A 226 -25.56 -2.86 -9.99
CA LEU A 226 -25.27 -2.06 -8.82
C LEU A 226 -24.39 -2.87 -7.88
N LEU A 227 -23.19 -2.38 -7.61
CA LEU A 227 -22.28 -3.06 -6.70
C LEU A 227 -22.16 -2.19 -5.47
N ILE A 228 -23.01 -2.47 -4.49
CA ILE A 228 -22.73 -1.98 -3.16
C ILE A 228 -21.52 -2.74 -2.64
N TYR A 229 -20.66 -2.04 -1.91
CA TYR A 229 -19.49 -2.67 -1.33
C TYR A 229 -19.20 -1.99 -0.02
N HIS A 230 -18.30 -2.58 0.75
CA HIS A 230 -17.83 -1.95 1.96
C HIS A 230 -16.38 -1.52 1.78
N GLY A 231 -16.05 -0.39 2.37
CA GLY A 231 -14.70 0.14 2.35
C GLY A 231 -14.22 0.30 3.77
N VAL A 232 -12.97 -0.03 4.01
CA VAL A 232 -12.35 0.03 5.32
C VAL A 232 -11.25 1.07 5.28
N ASP A 233 -11.29 2.01 6.22
CA ASP A 233 -10.27 3.04 6.23
C ASP A 233 -9.09 2.58 7.10
N ASN A 234 -8.13 3.47 7.30
CA ASN A 234 -6.91 3.16 8.04
C ASN A 234 -7.17 2.87 9.51
N ASN A 235 -8.37 3.21 10.02
CA ASN A 235 -8.72 2.96 11.41
C ASN A 235 -9.73 1.84 11.55
N ASN A 236 -9.85 1.00 10.52
CA ASN A 236 -10.76 -0.14 10.50
C ASN A 236 -12.23 0.28 10.60
N VAL A 237 -12.58 1.50 10.21
CA VAL A 237 -13.99 1.88 10.14
C VAL A 237 -14.57 1.31 8.85
N TYR A 238 -15.66 0.57 8.95
CA TYR A 238 -16.31 0.02 7.76
C TYR A 238 -17.43 0.95 7.33
N ARG A 239 -17.46 1.25 6.03
CA ARG A 239 -18.51 2.04 5.45
C ARG A 239 -18.98 1.36 4.19
N LEU A 240 -20.18 1.74 3.74
CA LEU A 240 -20.70 1.22 2.49
C LEU A 240 -20.46 2.23 1.39
N GLY A 241 -20.04 1.72 0.23
CA GLY A 241 -19.92 2.50 -0.97
C GLY A 241 -20.72 1.82 -2.07
N VAL A 242 -20.67 2.43 -3.25
CA VAL A 242 -21.46 1.88 -4.34
C VAL A 242 -20.73 2.16 -5.64
N ALA A 243 -20.71 1.16 -6.51
CA ALA A 243 -20.18 1.26 -7.85
C ALA A 243 -21.17 0.63 -8.82
N LEU A 244 -20.90 0.81 -10.10
CA LEU A 244 -21.72 0.22 -11.14
C LEU A 244 -20.81 -0.58 -12.06
N LEU A 245 -21.14 -1.84 -12.27
CA LEU A 245 -20.40 -2.70 -13.17
C LEU A 245 -21.09 -2.69 -14.53
N ASP A 246 -20.30 -2.89 -15.58
CA ASP A 246 -20.86 -2.99 -16.91
C ASP A 246 -21.80 -4.18 -16.99
N LEU A 247 -22.94 -3.98 -17.65
CA LEU A 247 -23.99 -5.00 -17.69
C LEU A 247 -23.52 -6.28 -18.37
N LYS A 248 -22.92 -6.16 -19.56
CA LYS A 248 -22.47 -7.32 -20.29
C LYS A 248 -21.19 -7.90 -19.71
N ASP A 249 -20.35 -7.05 -19.12
CA ASP A 249 -19.03 -7.44 -18.61
C ASP A 249 -18.90 -6.90 -17.19
N PRO A 250 -19.43 -7.62 -16.20
CA PRO A 250 -19.41 -7.10 -14.83
C PRO A 250 -18.03 -7.11 -14.19
N SER A 251 -16.99 -7.55 -14.89
CA SER A 251 -15.64 -7.33 -14.40
C SER A 251 -15.17 -5.91 -14.65
N LYS A 252 -15.95 -5.12 -15.39
CA LYS A 252 -15.57 -3.76 -15.77
C LYS A 252 -16.38 -2.78 -14.93
N VAL A 253 -15.69 -1.97 -14.14
CA VAL A 253 -16.34 -0.94 -13.34
C VAL A 253 -16.54 0.29 -14.22
N ILE A 254 -17.79 0.71 -14.40
CA ILE A 254 -18.08 1.85 -15.27
C ILE A 254 -18.43 3.09 -14.48
N ALA A 255 -18.65 2.98 -13.18
CA ALA A 255 -18.84 4.14 -12.32
C ALA A 255 -18.62 3.69 -10.89
N ARG A 256 -18.29 4.66 -10.04
CA ARG A 256 -17.99 4.37 -8.65
C ARG A 256 -18.11 5.68 -7.90
N GLN A 257 -19.00 5.74 -6.91
CA GLN A 257 -19.20 6.97 -6.17
C GLN A 257 -18.04 7.20 -5.21
N LYS A 258 -17.60 8.45 -5.12
CA LYS A 258 -16.50 8.76 -4.21
C LYS A 258 -16.97 8.69 -2.76
N GLU A 259 -18.12 9.29 -2.45
CA GLU A 259 -18.59 9.31 -1.07
C GLU A 259 -19.25 8.00 -0.69
N PRO A 260 -19.16 7.60 0.57
CA PRO A 260 -19.95 6.46 1.05
C PRO A 260 -21.45 6.72 0.90
N ILE A 261 -22.21 5.63 0.84
CA ILE A 261 -23.67 5.70 0.89
C ILE A 261 -24.20 5.44 2.29
N LEU A 262 -23.37 4.95 3.20
CA LEU A 262 -23.80 4.64 4.56
C LEU A 262 -22.57 4.52 5.44
N GLU A 263 -22.62 5.14 6.60
CA GLU A 263 -21.48 5.19 7.51
C GLU A 263 -21.99 5.00 8.92
N PRO A 264 -21.15 4.52 9.84
CA PRO A 264 -21.54 4.46 11.24
C PRO A 264 -21.89 5.85 11.74
N GLU A 265 -23.14 5.99 12.20
CA GLU A 265 -23.61 7.28 12.68
C GLU A 265 -24.38 7.13 13.99
N LEU A 266 -25.29 6.17 14.06
CA LEU A 266 -26.06 5.94 15.26
C LEU A 266 -25.18 5.27 16.31
N ASP A 267 -25.57 5.41 17.58
CA ASP A 267 -24.72 4.86 18.62
C ASP A 267 -24.57 3.36 18.49
N TRP A 268 -25.60 2.67 18.02
CA TRP A 268 -25.50 1.22 17.90
C TRP A 268 -24.77 0.80 16.63
N GLU A 269 -24.38 1.75 15.79
CA GLU A 269 -23.45 1.53 14.70
C GLU A 269 -22.02 1.89 15.06
N ILE A 270 -21.84 2.91 15.92
CA ILE A 270 -20.51 3.36 16.31
C ILE A 270 -19.97 2.52 17.47
N ASN A 271 -20.83 2.22 18.45
CA ASN A 271 -20.45 1.41 19.59
C ASN A 271 -21.15 0.05 19.52
N GLY A 272 -20.39 -1.00 19.81
CA GLY A 272 -20.92 -2.34 19.79
C GLY A 272 -19.79 -3.32 19.95
N LEU A 273 -20.03 -4.57 19.54
CA LEU A 273 -19.02 -5.61 19.70
C LEU A 273 -17.77 -5.32 18.87
N VAL A 274 -17.96 -4.74 17.69
CA VAL A 274 -16.87 -4.21 16.89
C VAL A 274 -17.26 -2.78 16.54
N PRO A 275 -16.58 -1.77 17.07
CA PRO A 275 -17.03 -0.39 16.86
C PRO A 275 -16.93 0.03 15.40
N ASN A 276 -17.67 1.10 15.06
CA ASN A 276 -17.51 1.77 13.77
C ASN A 276 -17.69 0.82 12.60
N VAL A 277 -18.80 0.09 12.58
CA VAL A 277 -19.05 -0.85 11.50
C VAL A 277 -20.50 -0.71 11.03
N VAL A 278 -20.67 -0.39 9.76
CA VAL A 278 -21.87 -0.75 9.02
C VAL A 278 -21.42 -1.66 7.89
N PHE A 279 -22.23 -2.70 7.63
CA PHE A 279 -21.82 -3.78 6.77
C PHE A 279 -23.05 -4.45 6.20
N SER A 280 -23.13 -4.56 4.88
CA SER A 280 -24.26 -5.20 4.23
C SER A 280 -23.83 -6.47 3.51
N CYS A 281 -24.62 -7.52 3.69
CA CYS A 281 -24.48 -8.76 2.94
C CYS A 281 -25.66 -9.00 2.01
N GLY A 282 -26.58 -8.04 1.94
CA GLY A 282 -27.80 -8.28 1.20
C GLY A 282 -28.58 -7.01 0.99
N ALA A 283 -29.18 -6.90 -0.19
CA ALA A 283 -30.01 -5.78 -0.57
C ALA A 283 -30.94 -6.27 -1.66
N VAL A 284 -32.18 -5.81 -1.62
CA VAL A 284 -33.19 -6.23 -2.58
C VAL A 284 -33.92 -5.01 -3.08
N GLU A 285 -34.46 -5.12 -4.28
CA GLU A 285 -35.28 -4.10 -4.87
C GLU A 285 -36.74 -4.48 -4.68
N VAL A 286 -37.50 -3.62 -4.02
CA VAL A 286 -38.93 -3.79 -3.89
C VAL A 286 -39.59 -2.44 -4.18
N ASN A 287 -40.42 -2.42 -5.24
CA ASN A 287 -41.22 -1.25 -5.60
C ASN A 287 -40.33 -0.02 -5.77
N ASP A 288 -39.31 -0.15 -6.62
CA ASP A 288 -38.42 0.95 -6.99
C ASP A 288 -37.64 1.51 -5.80
N MET A 289 -37.50 0.75 -4.73
CA MET A 289 -36.59 1.12 -3.67
C MET A 289 -35.64 -0.03 -3.43
N TYR A 290 -34.38 0.30 -3.18
CA TYR A 290 -33.44 -0.69 -2.71
C TYR A 290 -33.47 -0.72 -1.20
N TYR A 291 -33.69 -1.91 -0.64
CA TYR A 291 -33.61 -2.11 0.81
C TYR A 291 -32.25 -2.72 1.12
N VAL A 292 -31.44 -1.99 1.86
CA VAL A 292 -30.09 -2.42 2.21
C VAL A 292 -30.08 -2.79 3.67
N TYR A 293 -29.93 -4.09 3.94
CA TYR A 293 -29.79 -4.60 5.28
C TYR A 293 -28.34 -4.58 5.68
N TYR A 294 -28.07 -4.09 6.87
CA TYR A 294 -26.70 -3.92 7.24
C TYR A 294 -26.51 -4.33 8.69
N GLY A 295 -25.41 -5.04 8.94
CA GLY A 295 -24.95 -5.20 10.29
C GLY A 295 -24.39 -3.90 10.81
N ALA A 296 -24.59 -3.68 12.10
CA ALA A 296 -24.19 -2.46 12.77
C ALA A 296 -23.30 -2.86 13.94
N ALA A 297 -22.03 -2.44 13.87
CA ALA A 297 -21.09 -2.71 14.94
C ALA A 297 -21.02 -4.20 15.22
N ASP A 298 -21.25 -5.02 14.19
CA ASP A 298 -21.23 -6.48 14.31
C ASP A 298 -22.13 -6.97 15.44
N THR A 299 -23.18 -6.19 15.75
CA THR A 299 -24.02 -6.49 16.91
C THR A 299 -25.50 -6.54 16.54
N HIS A 300 -25.98 -5.56 15.77
CA HIS A 300 -27.38 -5.49 15.41
C HIS A 300 -27.54 -5.39 13.90
N ILE A 301 -28.80 -5.44 13.46
CA ILE A 301 -29.15 -5.29 12.06
C ILE A 301 -30.04 -4.07 11.91
N GLY A 302 -29.67 -3.18 10.99
CA GLY A 302 -30.51 -2.09 10.57
C GLY A 302 -30.87 -2.27 9.10
N VAL A 303 -31.70 -1.37 8.62
CA VAL A 303 -32.05 -1.41 7.21
C VAL A 303 -32.16 0.01 6.71
N ALA A 304 -31.52 0.29 5.58
CA ALA A 304 -31.58 1.59 4.97
C ALA A 304 -32.02 1.44 3.53
N VAL A 305 -32.56 2.52 2.97
CA VAL A 305 -33.15 2.45 1.65
C VAL A 305 -32.61 3.59 0.79
N ILE A 306 -32.80 3.42 -0.51
CA ILE A 306 -32.58 4.48 -1.48
C ILE A 306 -33.65 4.28 -2.55
N GLU A 307 -34.34 5.35 -2.89
CA GLU A 307 -35.19 5.29 -4.06
C GLU A 307 -34.32 5.07 -5.29
N LYS A 308 -34.80 4.17 -6.16
CA LYS A 308 -34.03 3.75 -7.32
C LYS A 308 -33.76 4.92 -8.28
N GLU A 309 -34.73 5.81 -8.41
CA GLU A 309 -34.58 6.99 -9.28
C GLU A 309 -33.38 7.82 -8.86
N LYS A 310 -33.09 7.86 -7.56
CA LYS A 310 -32.00 8.67 -7.02
C LYS A 310 -30.63 8.02 -7.20
N VAL A 311 -30.57 6.79 -7.69
CA VAL A 311 -29.28 6.12 -7.86
C VAL A 311 -28.72 6.59 -9.20
N LYS A 312 -27.81 7.56 -9.16
CA LYS A 312 -27.30 8.21 -10.36
C LYS A 312 -25.78 8.24 -10.33
N PHE A 313 -25.17 7.84 -11.43
CA PHE A 313 -23.74 8.03 -11.60
C PHE A 313 -23.54 8.97 -12.79
N MET B 12 -4.95 11.76 -25.09
CA MET B 12 -4.16 10.53 -24.99
C MET B 12 -2.79 10.70 -25.64
N PHE B 13 -1.83 11.35 -24.97
CA PHE B 13 -0.66 11.84 -25.67
C PHE B 13 0.64 11.32 -25.06
N ARG B 14 1.67 11.36 -25.88
CA ARG B 14 2.96 10.76 -25.60
C ARG B 14 4.05 11.73 -26.04
N LEU B 15 5.20 11.62 -25.40
CA LEU B 15 6.37 12.33 -25.87
C LEU B 15 6.99 11.58 -27.03
N THR B 16 7.65 12.31 -27.92
CA THR B 16 8.36 11.73 -29.05
C THR B 16 9.84 12.00 -28.86
N ARG B 17 10.65 10.95 -28.84
CA ARG B 17 12.07 11.15 -28.67
C ARG B 17 12.63 11.87 -29.87
N LEU B 18 13.46 12.88 -29.63
CA LEU B 18 14.12 13.57 -30.73
C LEU B 18 15.25 12.76 -31.32
N SER B 19 15.84 11.85 -30.54
CA SER B 19 16.96 11.05 -31.01
C SER B 19 16.82 9.64 -30.46
N ASN B 20 17.27 8.65 -31.23
CA ASN B 20 17.31 7.28 -30.74
C ASN B 20 18.65 6.95 -30.07
N LYS B 21 19.50 7.96 -29.91
CA LYS B 21 20.73 7.88 -29.15
C LYS B 21 20.70 8.93 -28.05
N PRO B 22 21.47 8.75 -26.99
CA PRO B 22 21.57 9.79 -25.97
C PRO B 22 22.11 11.08 -26.56
N ILE B 23 21.73 12.19 -25.95
CA ILE B 23 22.33 13.48 -26.29
C ILE B 23 23.45 13.84 -25.34
N LEU B 24 23.46 13.28 -24.13
CA LEU B 24 24.57 13.42 -23.19
C LEU B 24 24.85 12.04 -22.64
N SER B 25 26.11 11.66 -22.64
CA SER B 25 26.54 10.37 -22.14
C SER B 25 27.69 10.60 -21.19
N PRO B 26 28.00 9.62 -20.34
CA PRO B 26 29.14 9.78 -19.43
C PRO B 26 30.42 9.97 -20.24
N ILE B 27 31.41 10.59 -19.59
CA ILE B 27 32.74 10.81 -20.14
C ILE B 27 33.72 10.04 -19.26
N LYS B 28 34.25 8.94 -19.79
CA LYS B 28 35.10 8.07 -18.99
C LYS B 28 36.32 8.79 -18.46
N GLU B 29 36.80 9.81 -19.20
CA GLU B 29 37.99 10.56 -18.81
C GLU B 29 37.74 11.52 -17.65
N HIS B 30 36.48 11.80 -17.32
CA HIS B 30 36.13 12.70 -16.23
C HIS B 30 35.60 11.88 -15.07
N GLU B 31 36.38 11.82 -13.99
CA GLU B 31 36.00 11.00 -12.85
C GLU B 31 34.58 11.33 -12.38
N TRP B 32 34.25 12.62 -12.25
CA TRP B 32 32.97 13.03 -11.66
C TRP B 32 31.77 12.63 -12.50
N GLU B 33 31.97 12.33 -13.77
CA GLU B 33 30.86 11.94 -14.64
C GLU B 33 31.24 10.71 -15.43
N LYS B 34 32.03 9.83 -14.81
CA LYS B 34 32.59 8.67 -15.50
C LYS B 34 31.53 7.64 -15.84
N GLU B 35 30.50 7.50 -15.01
CA GLU B 35 29.58 6.38 -15.20
C GLU B 35 28.19 6.81 -15.60
N ALA B 36 27.74 7.99 -15.20
CA ALA B 36 26.38 8.39 -15.48
C ALA B 36 26.27 9.90 -15.63
N VAL B 37 25.45 10.32 -16.59
CA VAL B 37 24.90 11.66 -16.63
C VAL B 37 23.41 11.50 -16.84
N PHE B 38 22.60 12.16 -16.02
CA PHE B 38 21.16 11.87 -16.04
C PHE B 38 20.44 12.91 -15.20
N ASN B 39 19.14 12.70 -15.01
CA ASN B 39 18.26 13.53 -14.20
C ASN B 39 18.64 15.01 -14.17
N ALA B 40 18.33 15.72 -15.24
CA ALA B 40 18.89 17.03 -15.48
C ALA B 40 17.83 18.12 -15.34
N ALA B 41 18.14 19.17 -14.57
CA ALA B 41 17.30 20.35 -14.60
C ALA B 41 17.47 21.05 -15.93
N VAL B 42 16.43 21.76 -16.37
CA VAL B 42 16.45 22.42 -17.66
C VAL B 42 15.88 23.82 -17.52
N ILE B 43 16.57 24.79 -18.09
CA ILE B 43 16.12 26.17 -18.18
C ILE B 43 16.39 26.65 -19.61
N TYR B 44 15.39 27.27 -20.23
CA TYR B 44 15.56 27.83 -21.56
C TYR B 44 15.65 29.34 -21.43
N GLU B 45 16.88 29.88 -21.59
CA GLU B 45 17.17 31.31 -21.50
C GLU B 45 18.09 31.70 -22.64
N GLY B 46 17.91 32.91 -23.15
CA GLY B 46 18.83 33.44 -24.16
C GLY B 46 18.95 32.54 -25.36
N ASN B 47 17.84 31.94 -25.80
CA ASN B 47 17.79 31.06 -26.96
C ASN B 47 18.78 29.90 -26.82
N LYS B 48 18.90 29.39 -25.60
CA LYS B 48 19.80 28.30 -25.30
C LYS B 48 19.15 27.42 -24.26
N PHE B 49 19.33 26.11 -24.42
CA PHE B 49 18.93 25.15 -23.40
C PHE B 49 20.06 25.04 -22.38
N HIS B 50 19.75 25.29 -21.10
CA HIS B 50 20.70 25.10 -20.01
C HIS B 50 20.34 23.84 -19.24
N LEU B 51 21.21 22.84 -19.33
CA LEU B 51 21.06 21.57 -18.65
C LEU B 51 21.95 21.53 -17.44
N PHE B 52 21.39 21.17 -16.29
CA PHE B 52 22.18 20.96 -15.09
C PHE B 52 21.97 19.50 -14.72
N TYR B 53 22.91 18.65 -15.08
CA TYR B 53 22.66 17.22 -15.08
C TYR B 53 23.36 16.57 -13.90
N ARG B 54 22.68 15.61 -13.30
CA ARG B 54 23.31 14.77 -12.31
C ARG B 54 24.39 13.94 -13.00
N ALA B 55 25.51 13.79 -12.33
CA ALA B 55 26.62 13.03 -12.85
C ALA B 55 27.12 12.14 -11.75
N SER B 56 27.50 10.92 -12.09
CA SER B 56 28.00 9.98 -11.11
C SER B 56 29.36 9.46 -11.51
N ASN B 57 30.24 9.35 -10.53
CA ASN B 57 31.54 8.73 -10.70
C ASN B 57 31.49 7.21 -10.61
N ASN B 58 30.33 6.58 -10.42
CA ASN B 58 30.31 5.17 -10.09
C ASN B 58 28.93 4.58 -10.37
N LYS B 59 28.89 3.26 -10.48
CA LYS B 59 27.60 2.58 -10.51
C LYS B 59 26.92 2.71 -9.15
N PHE B 60 25.67 2.29 -9.08
CA PHE B 60 24.82 2.51 -7.89
C PHE B 60 24.46 1.18 -7.25
N VAL B 61 25.30 0.72 -6.34
CA VAL B 61 24.95 -0.39 -5.46
C VAL B 61 24.04 0.14 -4.37
N LEU B 62 22.83 -0.38 -4.30
CA LEU B 62 21.84 0.11 -3.37
C LEU B 62 21.31 -0.95 -2.44
N ASN B 63 21.69 -2.22 -2.64
CA ASN B 63 21.12 -3.34 -1.90
C ASN B 63 22.02 -3.76 -0.74
N THR B 64 22.68 -2.82 -0.09
CA THR B 64 23.40 -3.10 1.14
C THR B 64 22.64 -2.43 2.27
N GLU B 65 22.85 -2.96 3.48
CA GLU B 65 22.11 -2.47 4.64
C GLU B 65 22.31 -0.97 4.82
N LYS B 66 23.53 -0.49 4.64
CA LYS B 66 23.94 0.90 4.80
C LYS B 66 24.81 1.27 3.62
N PRO B 67 24.89 2.56 3.27
CA PRO B 67 25.85 2.96 2.25
C PRO B 67 27.26 2.64 2.71
N GLU B 68 28.01 1.96 1.84
CA GLU B 68 29.32 1.46 2.20
C GLU B 68 30.36 2.14 1.33
N GLU B 69 31.48 2.53 1.97
CA GLU B 69 32.58 3.21 1.27
C GLU B 69 33.02 2.47 0.02
N LYS B 70 33.11 1.14 0.08
CA LYS B 70 33.59 0.42 -1.10
C LYS B 70 32.60 0.44 -2.26
N TYR B 71 31.36 0.84 -2.01
CA TYR B 71 30.37 1.02 -3.08
C TYR B 71 29.97 2.49 -3.22
N LYS B 72 30.74 3.39 -2.63
CA LYS B 72 30.39 4.80 -2.64
C LYS B 72 30.34 5.34 -4.05
N PHE B 73 29.25 6.06 -4.34
CA PHE B 73 29.11 6.83 -5.56
C PHE B 73 28.88 8.27 -5.16
N VAL B 74 29.37 9.20 -5.97
CA VAL B 74 29.29 10.63 -5.66
C VAL B 74 28.54 11.30 -6.80
N SER B 75 27.44 11.96 -6.48
CA SER B 75 26.73 12.71 -7.51
C SER B 75 27.23 14.14 -7.54
N SER B 76 27.42 14.65 -8.75
CA SER B 76 27.80 16.03 -8.99
C SER B 76 26.75 16.58 -9.92
N ILE B 77 26.63 17.91 -9.95
CA ILE B 77 25.78 18.57 -10.93
C ILE B 77 26.71 19.16 -11.97
N GLY B 78 26.65 18.62 -13.19
CA GLY B 78 27.36 19.20 -14.31
C GLY B 78 26.46 20.13 -15.09
N TYR B 79 27.07 20.90 -16.00
CA TYR B 79 26.33 21.86 -16.80
C TYR B 79 26.63 21.64 -18.27
N ALA B 80 25.63 21.93 -19.10
CA ALA B 80 25.74 21.79 -20.54
C ALA B 80 24.74 22.78 -21.14
N VAL B 81 25.10 23.33 -22.31
CA VAL B 81 24.29 24.38 -22.92
C VAL B 81 24.20 24.09 -24.41
N SER B 82 23.06 24.43 -25.01
CA SER B 82 22.78 24.11 -26.40
C SER B 82 21.88 25.17 -26.99
N GLU B 83 22.12 25.52 -28.25
CA GLU B 83 21.17 26.36 -28.97
C GLU B 83 20.07 25.53 -29.61
N ASP B 84 20.41 24.34 -30.14
CA ASP B 84 19.41 23.54 -30.85
C ASP B 84 18.75 22.48 -29.99
N GLY B 85 19.21 22.26 -28.76
CA GLY B 85 18.60 21.30 -27.87
C GLY B 85 19.16 19.91 -27.96
N ILE B 86 20.05 19.66 -28.94
CA ILE B 86 20.58 18.35 -29.24
C ILE B 86 22.09 18.31 -29.01
N ASN B 87 22.80 19.32 -29.52
CA ASN B 87 24.23 19.40 -29.40
C ASN B 87 24.57 20.37 -28.28
N PHE B 88 25.31 19.88 -27.29
CA PHE B 88 25.59 20.65 -26.09
C PHE B 88 27.09 20.91 -25.97
N GLU B 89 27.43 22.08 -25.44
CA GLU B 89 28.78 22.34 -24.95
C GLU B 89 28.84 21.86 -23.52
N ARG B 90 29.84 21.07 -23.21
CA ARG B 90 29.99 20.52 -21.88
C ARG B 90 31.24 21.14 -21.24
N PHE B 91 31.39 20.89 -19.95
CA PHE B 91 32.46 21.49 -19.17
C PHE B 91 33.24 20.40 -18.47
N ASP B 92 34.45 20.74 -18.06
CA ASP B 92 35.40 19.74 -17.60
C ASP B 92 35.20 19.41 -16.13
N LYS B 93 34.62 20.32 -15.37
CA LYS B 93 34.32 20.11 -13.97
C LYS B 93 32.84 20.38 -13.75
N PRO B 94 32.26 19.78 -12.72
CA PRO B 94 30.85 20.06 -12.42
C PRO B 94 30.70 21.46 -11.83
N VAL B 95 29.48 21.98 -11.95
CA VAL B 95 29.18 23.32 -11.45
C VAL B 95 28.69 23.30 -10.00
N LEU B 96 28.25 22.16 -9.50
CA LEU B 96 27.92 22.04 -8.09
C LEU B 96 28.35 20.68 -7.56
N VAL B 97 28.99 20.67 -6.40
CA VAL B 97 29.36 19.45 -5.71
C VAL B 97 28.91 19.56 -4.25
N GLY B 98 28.92 18.42 -3.57
CA GLY B 98 28.37 18.38 -2.22
C GLY B 98 29.35 18.84 -1.14
N GLU B 99 28.84 19.63 -0.19
CA GLU B 99 29.53 19.90 1.07
C GLU B 99 29.65 18.62 1.91
N ILE B 100 30.78 18.47 2.57
CA ILE B 100 30.95 17.40 3.55
C ILE B 100 30.38 17.91 4.87
N PRO B 101 29.70 17.07 5.67
CA PRO B 101 29.36 15.68 5.39
C PRO B 101 27.91 15.48 4.95
N GLN B 102 27.11 16.55 5.01
CA GLN B 102 25.69 16.37 4.75
C GLN B 102 25.41 16.00 3.30
N GLU B 103 26.29 16.40 2.38
CA GLU B 103 26.15 16.04 0.98
C GLU B 103 27.37 15.24 0.50
N ALA B 104 27.91 14.37 1.38
CA ALA B 104 29.16 13.69 1.09
C ALA B 104 29.05 12.74 -0.09
N TRP B 105 27.88 12.16 -0.33
CA TRP B 105 27.72 11.36 -1.55
C TRP B 105 27.12 12.17 -2.69
N GLY B 106 27.00 13.47 -2.51
CA GLY B 106 26.83 14.37 -3.62
C GLY B 106 25.46 15.01 -3.68
N VAL B 107 25.15 15.52 -4.86
CA VAL B 107 23.98 16.35 -5.08
C VAL B 107 23.23 15.80 -6.29
N GLU B 108 21.93 15.61 -6.15
CA GLU B 108 21.19 14.78 -7.10
C GLU B 108 19.99 15.51 -7.66
N ASP B 109 19.60 15.08 -8.86
CA ASP B 109 18.31 15.42 -9.44
C ASP B 109 17.90 16.87 -9.24
N PRO B 110 18.64 17.83 -9.80
CA PRO B 110 18.25 19.23 -9.63
C PRO B 110 17.00 19.52 -10.41
N ARG B 111 16.13 20.35 -9.83
CA ARG B 111 15.10 21.03 -10.58
C ARG B 111 15.32 22.52 -10.40
N ILE B 112 15.29 23.26 -11.50
CA ILE B 112 15.53 24.69 -11.45
C ILE B 112 14.26 25.42 -11.85
N THR B 113 13.89 26.39 -11.05
CA THR B 113 12.69 27.19 -11.24
C THR B 113 13.12 28.65 -11.23
N LYS B 114 12.73 29.38 -12.26
CA LYS B 114 12.90 30.82 -12.27
C LYS B 114 11.68 31.46 -11.61
N ILE B 115 11.90 32.16 -10.51
CA ILE B 115 10.88 32.98 -9.87
C ILE B 115 11.35 34.43 -9.94
N ASP B 116 10.55 35.27 -10.57
CA ASP B 116 10.93 36.65 -10.88
C ASP B 116 12.29 36.63 -11.55
N ASN B 117 13.32 37.23 -10.96
CA ASN B 117 14.59 37.30 -11.67
C ASN B 117 15.67 36.46 -11.00
N LYS B 118 15.27 35.49 -10.17
CA LYS B 118 16.20 34.58 -9.53
C LYS B 118 15.91 33.15 -9.97
N TYR B 119 16.95 32.34 -10.00
CA TYR B 119 16.86 30.93 -10.34
C TYR B 119 17.09 30.12 -9.09
N TYR B 120 16.21 29.17 -8.83
CA TYR B 120 16.30 28.35 -7.63
C TYR B 120 16.54 26.93 -8.06
N MET B 121 17.64 26.36 -7.62
CA MET B 121 17.95 24.97 -7.90
C MET B 121 17.70 24.15 -6.64
N LEU B 122 16.70 23.27 -6.72
CA LEU B 122 16.44 22.33 -5.64
C LEU B 122 17.01 20.99 -6.05
N TYR B 123 17.67 20.33 -5.12
CA TYR B 123 18.32 19.06 -5.43
C TYR B 123 18.31 18.22 -4.16
N THR B 124 18.66 16.95 -4.32
CA THR B 124 18.80 16.07 -3.16
C THR B 124 20.25 16.05 -2.73
N GLY B 125 20.52 16.56 -1.52
CA GLY B 125 21.81 16.31 -0.89
C GLY B 125 21.78 14.94 -0.26
N PHE B 126 22.78 14.13 -0.56
CA PHE B 126 22.88 12.77 -0.05
C PHE B 126 24.19 12.66 0.70
N GLY B 127 24.12 12.38 2.00
CA GLY B 127 25.33 12.28 2.78
C GLY B 127 25.88 10.89 2.93
N GLY B 128 25.16 9.88 2.46
CA GLY B 128 25.66 8.52 2.49
C GLY B 128 25.85 7.91 3.87
N ARG B 129 25.44 8.61 4.93
CA ARG B 129 25.58 8.03 6.26
C ARG B 129 24.49 7.02 6.57
N ASP B 130 23.43 6.98 5.76
CA ASP B 130 22.32 6.04 5.88
C ASP B 130 21.58 6.14 4.56
N TRP B 131 20.75 5.14 4.27
CA TRP B 131 19.99 5.26 3.03
C TRP B 131 18.92 6.33 3.11
N LEU B 132 18.61 6.82 4.31
CA LEU B 132 17.71 7.95 4.48
C LEU B 132 18.46 9.25 4.69
N ASP B 133 19.78 9.24 4.48
CA ASP B 133 20.60 10.41 4.75
C ASP B 133 20.55 11.37 3.55
N PHE B 134 19.34 11.80 3.23
CA PHE B 134 19.13 12.66 2.08
C PHE B 134 18.02 13.65 2.40
N ARG B 135 18.11 14.82 1.79
CA ARG B 135 17.16 15.90 2.06
C ARG B 135 17.10 16.81 0.85
N ILE B 136 16.03 17.58 0.76
CA ILE B 136 15.95 18.61 -0.27
C ILE B 136 16.78 19.81 0.15
N CYS B 137 17.69 20.22 -0.72
CA CYS B 137 18.48 21.42 -0.52
C CYS B 137 18.17 22.41 -1.63
N MET B 138 18.52 23.65 -1.36
CA MET B 138 18.27 24.71 -2.31
C MET B 138 19.50 25.58 -2.42
N VAL B 139 19.84 25.95 -3.65
CA VAL B 139 20.71 27.09 -3.88
C VAL B 139 20.02 27.96 -4.91
N TRP B 140 20.45 29.21 -4.98
CA TRP B 140 19.84 30.12 -5.91
C TRP B 140 20.93 30.98 -6.53
N SER B 141 20.57 31.58 -7.66
CA SER B 141 21.46 32.45 -8.39
C SER B 141 20.59 33.41 -9.19
N ASP B 142 21.14 34.57 -9.52
CA ASP B 142 20.44 35.47 -10.42
C ASP B 142 20.92 35.29 -11.85
N ASP B 143 21.80 34.33 -12.09
CA ASP B 143 22.50 34.29 -13.37
C ASP B 143 22.78 32.87 -13.86
N LEU B 144 22.28 31.83 -13.20
CA LEU B 144 22.60 30.43 -13.52
C LEU B 144 24.08 30.12 -13.41
N LYS B 145 24.86 31.03 -12.82
CA LYS B 145 26.31 30.87 -12.75
C LYS B 145 26.83 30.85 -11.32
N ASN B 146 26.39 31.78 -10.48
CA ASN B 146 26.91 31.91 -9.13
C ASN B 146 25.81 31.49 -8.14
N TRP B 147 25.86 30.24 -7.73
CA TRP B 147 24.89 29.67 -6.82
C TRP B 147 25.30 29.95 -5.39
N LYS B 148 24.33 30.33 -4.56
CA LYS B 148 24.64 30.69 -3.19
C LYS B 148 23.41 30.45 -2.33
N GLY B 149 23.53 30.80 -1.06
CA GLY B 149 22.40 30.72 -0.16
C GLY B 149 21.91 29.30 0.04
N HIS B 150 22.84 28.35 0.18
CA HIS B 150 22.45 26.97 0.43
C HIS B 150 21.58 26.87 1.68
N ARG B 151 20.57 26.00 1.61
CA ARG B 151 19.71 25.77 2.76
C ARG B 151 19.07 24.39 2.60
N ILE B 152 18.80 23.75 3.73
CA ILE B 152 18.00 22.52 3.71
C ILE B 152 16.53 22.94 3.65
N VAL B 153 15.84 22.52 2.60
CA VAL B 153 14.48 23.01 2.39
C VAL B 153 13.54 22.42 3.43
N LEU B 154 13.46 21.09 3.48
CA LEU B 154 12.81 20.37 4.58
C LEU B 154 13.87 19.53 5.25
N ASP B 155 13.96 19.64 6.57
CA ASP B 155 14.96 18.89 7.32
C ASP B 155 14.35 17.53 7.64
N GLU B 156 14.39 16.66 6.64
CA GLU B 156 13.71 15.39 6.72
C GLU B 156 14.06 14.61 5.47
N PRO B 157 13.96 13.29 5.48
CA PRO B 157 14.20 12.53 4.27
C PRO B 157 13.12 12.83 3.25
N ASN B 158 13.52 13.45 2.14
CA ASN B 158 12.57 13.95 1.16
C ASN B 158 13.38 14.23 -0.10
N LYS B 159 12.69 14.22 -1.24
CA LYS B 159 13.35 14.47 -2.52
C LYS B 159 12.26 14.81 -3.51
N ASP B 160 12.58 14.74 -4.81
CA ASP B 160 11.62 15.05 -5.86
C ASP B 160 10.95 16.39 -5.58
N ALA B 161 11.77 17.40 -5.40
CA ALA B 161 11.30 18.71 -4.99
C ALA B 161 11.46 19.72 -6.12
N ALA B 162 10.50 20.63 -6.23
CA ALA B 162 10.64 21.71 -7.20
C ALA B 162 9.78 22.87 -6.74
N LEU B 163 10.21 24.08 -7.10
CA LEU B 163 9.44 25.28 -6.82
C LEU B 163 8.50 25.56 -7.99
N LEU B 164 7.31 26.06 -7.68
CA LEU B 164 6.48 26.66 -8.69
C LEU B 164 7.11 27.96 -9.18
N SER B 165 6.96 28.24 -10.47
CA SER B 165 7.61 29.40 -11.07
C SER B 165 7.00 30.72 -10.65
N GLU B 166 5.87 30.72 -9.95
CA GLU B 166 5.38 31.97 -9.39
C GLU B 166 4.72 31.70 -8.05
N LYS B 167 4.41 32.77 -7.35
CA LYS B 167 3.73 32.70 -6.07
C LYS B 167 2.23 32.50 -6.28
N ILE B 168 1.62 31.81 -5.32
CA ILE B 168 0.17 31.65 -5.23
C ILE B 168 -0.28 32.35 -3.96
N ASN B 169 -1.19 33.31 -4.10
CA ASN B 169 -1.67 34.12 -2.98
C ASN B 169 -0.52 34.59 -2.11
N GLY B 170 0.52 35.05 -2.77
CA GLY B 170 1.64 35.64 -2.08
C GLY B 170 2.58 34.68 -1.41
N LYS B 171 2.41 33.38 -1.62
CA LYS B 171 3.31 32.39 -1.04
C LYS B 171 4.05 31.62 -2.13
N TYR B 172 5.31 31.33 -1.84
CA TYR B 172 6.06 30.40 -2.66
C TYR B 172 5.47 29.01 -2.51
N VAL B 173 5.58 28.22 -3.57
CA VAL B 173 4.94 26.91 -3.62
C VAL B 173 6.03 25.87 -3.80
N LEU B 174 6.09 24.91 -2.90
CA LEU B 174 7.03 23.80 -2.98
C LEU B 174 6.28 22.52 -3.29
N PHE B 175 6.76 21.78 -4.28
CA PHE B 175 6.33 20.42 -4.51
C PHE B 175 7.41 19.50 -3.93
N HIS B 176 7.02 18.53 -3.11
CA HIS B 176 8.00 17.62 -2.55
C HIS B 176 7.39 16.22 -2.51
N ARG B 177 8.06 15.31 -1.78
CA ARG B 177 7.64 13.92 -1.90
C ARG B 177 7.96 13.16 -0.61
N ARG B 178 7.26 13.47 0.46
CA ARG B 178 7.11 12.49 1.52
C ARG B 178 6.53 11.21 0.93
N MET B 179 7.27 10.12 1.07
CA MET B 179 6.94 8.86 0.43
C MET B 179 5.47 8.51 0.69
N PRO B 180 4.73 8.00 -0.33
CA PRO B 180 5.09 7.94 -1.75
C PRO B 180 4.25 8.90 -2.60
N ASP B 181 3.78 9.99 -2.02
CA ASP B 181 2.87 10.90 -2.70
C ASP B 181 3.60 12.16 -3.13
N ILE B 182 3.03 12.84 -4.11
CA ILE B 182 3.48 14.19 -4.40
C ILE B 182 2.79 15.14 -3.44
N TRP B 183 3.58 15.90 -2.69
CA TRP B 183 3.09 16.89 -1.76
C TRP B 183 3.28 18.30 -2.31
N ILE B 184 2.54 19.21 -1.70
CA ILE B 184 2.71 20.65 -1.92
C ILE B 184 2.93 21.30 -0.56
N ALA B 185 3.63 22.42 -0.57
CA ALA B 185 3.77 23.20 0.66
C ALA B 185 3.99 24.65 0.24
N TYR B 186 3.84 25.56 1.20
CA TYR B 186 3.84 26.98 0.94
C TYR B 186 4.81 27.66 1.87
N SER B 187 5.36 28.78 1.43
CA SER B 187 6.31 29.54 2.25
C SER B 187 6.16 31.02 1.98
N ASP B 188 6.39 31.82 3.03
CA ASP B 188 6.48 33.26 2.89
C ASP B 188 7.88 33.73 2.55
N ASP B 189 8.90 32.93 2.84
CA ASP B 189 10.26 33.41 2.84
C ASP B 189 11.25 32.44 2.20
N LEU B 190 10.78 31.32 1.66
CA LEU B 190 11.64 30.31 1.06
C LEU B 190 12.57 29.65 2.06
N VAL B 191 12.23 29.72 3.36
CA VAL B 191 12.96 29.05 4.42
C VAL B 191 12.04 28.11 5.19
N ASN B 192 10.88 28.60 5.60
CA ASN B 192 9.95 27.88 6.46
C ASN B 192 8.73 27.50 5.64
N TRP B 193 8.38 26.22 5.68
CA TRP B 193 7.32 25.70 4.85
C TRP B 193 6.15 25.24 5.72
N TYR B 194 4.94 25.47 5.21
CA TYR B 194 3.73 25.20 5.97
C TYR B 194 2.63 24.84 4.98
N ASN B 195 1.44 24.55 5.52
CA ASN B 195 0.30 24.14 4.70
C ASN B 195 0.64 22.94 3.83
N HIS B 196 1.40 22.00 4.38
CA HIS B 196 1.74 20.79 3.65
C HIS B 196 0.47 20.07 3.23
N LYS B 197 0.45 19.57 2.00
CA LYS B 197 -0.72 18.89 1.51
C LYS B 197 -0.31 17.83 0.50
N ILE B 198 -0.92 16.64 0.60
CA ILE B 198 -0.81 15.68 -0.48
C ILE B 198 -1.66 16.16 -1.65
N ILE B 199 -1.08 16.21 -2.84
CA ILE B 199 -1.86 16.57 -4.01
C ILE B 199 -2.08 15.41 -4.97
N MET B 200 -1.24 14.38 -4.93
CA MET B 200 -1.37 13.32 -5.90
C MET B 200 -0.72 12.06 -5.36
N SER B 201 -1.28 10.92 -5.72
CA SER B 201 -0.92 9.65 -5.10
C SER B 201 -0.69 8.59 -6.16
N PRO B 202 0.08 7.55 -5.83
CA PRO B 202 0.18 6.39 -6.72
C PRO B 202 -1.19 5.81 -7.02
N LYS B 203 -1.24 4.93 -8.01
CA LYS B 203 -2.47 4.23 -8.38
C LYS B 203 -2.17 2.74 -8.41
N SER B 204 -2.86 1.99 -7.56
CA SER B 204 -2.51 0.59 -7.38
C SER B 204 -2.76 -0.17 -8.67
N HIS B 205 -2.01 -1.26 -8.86
CA HIS B 205 -2.17 -2.13 -10.01
C HIS B 205 -2.03 -1.36 -11.32
N THR B 206 -1.14 -0.37 -11.34
CA THR B 206 -0.82 0.37 -12.55
C THR B 206 0.69 0.59 -12.60
N TRP B 207 1.12 1.19 -13.71
CA TRP B 207 2.52 1.51 -13.89
C TRP B 207 3.03 2.47 -12.81
N GLU B 208 2.13 3.12 -12.09
CA GLU B 208 2.53 4.11 -11.10
C GLU B 208 2.01 3.74 -9.72
N SER B 209 2.20 2.47 -9.34
CA SER B 209 1.61 1.93 -8.11
C SER B 209 2.51 2.12 -6.89
N LYS B 210 3.82 2.02 -7.08
CA LYS B 210 4.74 2.01 -5.94
C LYS B 210 4.87 3.41 -5.34
N LYS B 211 5.13 4.39 -6.19
CA LYS B 211 5.38 5.75 -5.73
C LYS B 211 5.37 6.65 -6.95
N ILE B 212 5.20 7.95 -6.71
CA ILE B 212 5.27 8.96 -7.75
C ILE B 212 6.04 10.15 -7.20
N GLY B 213 6.55 10.97 -8.11
CA GLY B 213 7.19 12.20 -7.72
C GLY B 213 7.16 13.17 -8.89
N ILE B 214 7.31 14.46 -8.57
CA ILE B 214 7.30 15.45 -9.62
C ILE B 214 8.47 15.21 -10.55
N ALA B 215 8.30 15.60 -11.81
CA ALA B 215 9.41 15.61 -12.76
C ALA B 215 10.11 16.96 -12.65
N GLY B 216 10.12 17.75 -13.74
CA GLY B 216 10.53 19.11 -13.65
C GLY B 216 9.47 19.96 -12.95
N PRO B 217 9.80 21.23 -12.71
CA PRO B 217 8.80 22.13 -12.14
C PRO B 217 7.65 22.30 -13.11
N PRO B 218 6.44 22.56 -12.61
CA PRO B 218 5.28 22.55 -13.50
C PRO B 218 5.35 23.71 -14.48
N ILE B 219 4.96 23.43 -15.71
CA ILE B 219 4.93 24.43 -16.76
C ILE B 219 3.55 25.10 -16.77
N LYS B 220 3.56 26.44 -16.76
CA LYS B 220 2.33 27.18 -16.77
C LYS B 220 1.67 27.12 -18.15
N ARG B 221 0.38 26.85 -18.16
CA ARG B 221 -0.45 26.91 -19.34
C ARG B 221 -1.66 27.76 -19.00
N GLU B 222 -2.47 28.06 -20.01
CA GLU B 222 -3.72 28.76 -19.75
C GLU B 222 -4.72 27.87 -19.04
N ASP B 223 -4.70 26.56 -19.30
CA ASP B 223 -5.65 25.64 -18.70
C ASP B 223 -5.17 25.06 -17.39
N GLY B 224 -4.05 25.54 -16.86
CA GLY B 224 -3.52 25.07 -15.59
C GLY B 224 -2.03 24.89 -15.66
N TRP B 225 -1.49 24.12 -14.71
CA TRP B 225 -0.06 23.85 -14.65
C TRP B 225 0.22 22.44 -15.16
N LEU B 226 1.05 22.33 -16.18
CA LEU B 226 1.40 21.01 -16.69
C LEU B 226 2.35 20.34 -15.70
N LEU B 227 1.91 19.24 -15.10
CA LEU B 227 2.70 18.56 -14.07
C LEU B 227 3.13 17.22 -14.65
N ILE B 228 4.29 17.21 -15.29
CA ILE B 228 4.90 15.95 -15.64
C ILE B 228 5.44 15.32 -14.37
N TYR B 229 5.36 14.00 -14.28
CA TYR B 229 5.83 13.32 -13.08
C TYR B 229 6.36 11.96 -13.48
N HIS B 230 7.01 11.29 -12.54
CA HIS B 230 7.43 9.91 -12.75
C HIS B 230 6.61 9.00 -11.85
N GLY B 231 6.24 7.85 -12.38
CA GLY B 231 5.60 6.82 -11.62
C GLY B 231 6.51 5.62 -11.63
N VAL B 232 6.50 4.89 -10.53
CA VAL B 232 7.31 3.69 -10.36
C VAL B 232 6.35 2.54 -10.18
N ASP B 233 6.52 1.48 -10.97
CA ASP B 233 5.64 0.34 -10.80
C ASP B 233 6.27 -0.61 -9.80
N ASN B 234 5.68 -1.80 -9.65
CA ASN B 234 6.11 -2.79 -8.69
C ASN B 234 7.52 -3.30 -8.97
N ASN B 235 8.00 -3.19 -10.20
CA ASN B 235 9.33 -3.70 -10.53
C ASN B 235 10.37 -2.60 -10.61
N ASN B 236 10.08 -1.46 -10.00
CA ASN B 236 10.99 -0.32 -9.96
C ASN B 236 11.22 0.26 -11.37
N VAL B 237 10.32 -0.01 -12.30
CA VAL B 237 10.38 0.67 -13.59
C VAL B 237 9.89 2.11 -13.40
N TYR B 238 10.67 3.07 -13.90
CA TYR B 238 10.33 4.49 -13.83
C TYR B 238 9.80 4.93 -15.18
N ARG B 239 8.60 5.49 -15.19
CA ARG B 239 8.01 6.03 -16.40
C ARG B 239 7.58 7.45 -16.09
N LEU B 240 7.29 8.23 -17.13
CA LEU B 240 6.81 9.59 -16.96
C LEU B 240 5.31 9.64 -17.25
N GLY B 241 4.59 10.44 -16.47
CA GLY B 241 3.20 10.73 -16.72
C GLY B 241 2.96 12.22 -16.66
N VAL B 242 1.72 12.61 -16.91
CA VAL B 242 1.34 14.02 -16.88
C VAL B 242 0.03 14.19 -16.15
N ALA B 243 -0.04 15.25 -15.36
CA ALA B 243 -1.26 15.74 -14.77
C ALA B 243 -1.38 17.20 -15.10
N LEU B 244 -2.56 17.75 -14.84
CA LEU B 244 -2.85 19.17 -14.99
C LEU B 244 -3.31 19.68 -13.64
N LEU B 245 -2.61 20.69 -13.12
CA LEU B 245 -2.99 21.30 -11.86
C LEU B 245 -3.86 22.52 -12.12
N ASP B 246 -4.71 22.85 -11.15
CA ASP B 246 -5.50 24.07 -11.27
C ASP B 246 -4.58 25.29 -11.28
N LEU B 247 -4.90 26.24 -12.18
CA LEU B 247 -4.03 27.41 -12.39
C LEU B 247 -3.93 28.27 -11.14
N LYS B 248 -5.04 28.48 -10.44
CA LYS B 248 -5.03 29.36 -9.27
C LYS B 248 -4.73 28.63 -7.98
N ASP B 249 -5.02 27.33 -7.92
CA ASP B 249 -4.70 26.48 -6.77
C ASP B 249 -4.01 25.23 -7.29
N PRO B 250 -2.68 25.30 -7.51
CA PRO B 250 -1.94 24.12 -8.03
C PRO B 250 -1.94 22.93 -7.09
N SER B 251 -2.53 23.07 -5.92
CA SER B 251 -2.75 21.91 -5.08
C SER B 251 -3.91 21.04 -5.56
N LYS B 252 -4.67 21.51 -6.54
CA LYS B 252 -5.82 20.80 -7.06
C LYS B 252 -5.46 20.18 -8.40
N VAL B 253 -5.47 18.87 -8.47
CA VAL B 253 -5.26 18.18 -9.75
C VAL B 253 -6.60 18.16 -10.47
N ILE B 254 -6.66 18.78 -11.65
CA ILE B 254 -7.90 18.84 -12.41
C ILE B 254 -7.94 17.83 -13.55
N ALA B 255 -6.81 17.19 -13.86
CA ALA B 255 -6.77 16.17 -14.89
C ALA B 255 -5.47 15.40 -14.72
N ARG B 256 -5.51 14.13 -15.11
CA ARG B 256 -4.37 13.23 -14.93
C ARG B 256 -4.48 12.14 -15.99
N GLN B 257 -3.53 12.11 -16.91
CA GLN B 257 -3.57 11.09 -17.95
C GLN B 257 -3.33 9.72 -17.34
N LYS B 258 -4.12 8.73 -17.77
CA LYS B 258 -3.99 7.40 -17.21
C LYS B 258 -2.66 6.75 -17.62
N GLU B 259 -2.32 6.85 -18.88
CA GLU B 259 -1.19 6.23 -19.56
C GLU B 259 0.06 7.07 -19.41
N PRO B 260 1.26 6.47 -19.44
CA PRO B 260 2.49 7.26 -19.39
C PRO B 260 2.72 8.01 -20.70
N ILE B 261 3.52 9.07 -20.60
CA ILE B 261 3.91 9.84 -21.78
C ILE B 261 5.31 9.48 -22.27
N LEU B 262 6.07 8.74 -21.49
CA LEU B 262 7.40 8.27 -21.85
C LEU B 262 7.72 7.08 -20.96
N GLU B 263 8.30 6.05 -21.55
CA GLU B 263 8.61 4.82 -20.83
C GLU B 263 9.91 4.31 -21.41
N PRO B 264 10.65 3.49 -20.67
CA PRO B 264 11.87 2.91 -21.24
C PRO B 264 11.54 2.07 -22.46
N GLU B 265 12.23 2.35 -23.57
CA GLU B 265 12.03 1.61 -24.81
C GLU B 265 13.35 1.33 -25.51
N LEU B 266 14.23 2.33 -25.53
CA LEU B 266 15.51 2.14 -26.20
C LEU B 266 16.47 1.39 -25.29
N ASP B 267 17.44 0.71 -25.90
CA ASP B 267 18.35 -0.13 -25.13
C ASP B 267 19.03 0.65 -23.99
N TRP B 268 19.36 1.92 -24.22
CA TRP B 268 20.05 2.73 -23.21
C TRP B 268 19.07 3.43 -22.27
N GLU B 269 17.77 3.19 -22.42
CA GLU B 269 16.79 3.51 -21.39
C GLU B 269 16.45 2.28 -20.56
N ILE B 270 16.48 1.11 -21.18
CA ILE B 270 16.17 -0.13 -20.48
C ILE B 270 17.40 -0.66 -19.76
N ASN B 271 18.56 -0.61 -20.42
CA ASN B 271 19.81 -1.09 -19.84
C ASN B 271 20.67 0.10 -19.41
N GLY B 272 21.41 -0.09 -18.33
CA GLY B 272 22.22 0.97 -17.76
C GLY B 272 22.47 0.69 -16.29
N LEU B 273 22.98 1.72 -15.61
CA LEU B 273 23.32 1.58 -14.19
C LEU B 273 22.10 1.26 -13.36
N VAL B 274 20.96 1.85 -13.70
CA VAL B 274 19.70 1.45 -13.07
C VAL B 274 18.75 1.11 -14.20
N PRO B 275 18.44 -0.16 -14.44
CA PRO B 275 17.62 -0.51 -15.60
C PRO B 275 16.25 0.11 -15.53
N ASN B 276 15.64 0.28 -16.71
CA ASN B 276 14.21 0.59 -16.82
C ASN B 276 13.86 1.92 -16.16
N VAL B 277 14.56 2.97 -16.58
CA VAL B 277 14.29 4.30 -16.04
C VAL B 277 14.28 5.31 -17.17
N VAL B 278 13.20 6.08 -17.24
CA VAL B 278 13.21 7.40 -17.84
C VAL B 278 12.76 8.35 -16.75
N PHE B 279 13.46 9.47 -16.60
CA PHE B 279 13.27 10.31 -15.43
C PHE B 279 13.62 11.73 -15.84
N SER B 280 12.70 12.66 -15.65
CA SER B 280 12.91 14.03 -16.07
C SER B 280 12.95 14.95 -14.88
N CYS B 281 13.90 15.87 -14.90
CA CYS B 281 14.04 16.88 -13.85
C CYS B 281 13.86 18.27 -14.44
N GLY B 282 13.43 18.32 -15.70
CA GLY B 282 13.30 19.58 -16.38
C GLY B 282 12.64 19.44 -17.74
N ALA B 283 11.83 20.43 -18.06
CA ALA B 283 11.17 20.49 -19.34
C ALA B 283 10.87 21.95 -19.58
N VAL B 284 11.03 22.41 -20.82
CA VAL B 284 10.82 23.82 -21.12
C VAL B 284 9.96 23.94 -22.37
N GLU B 285 9.28 25.07 -22.47
CA GLU B 285 8.48 25.40 -23.64
C GLU B 285 9.34 26.19 -24.63
N VAL B 286 9.51 25.65 -25.83
CA VAL B 286 10.26 26.30 -26.90
C VAL B 286 9.49 26.08 -28.19
N ASN B 287 9.18 27.18 -28.90
CA ASN B 287 8.56 27.12 -30.23
C ASN B 287 7.29 26.28 -30.22
N ASP B 288 6.40 26.56 -29.26
CA ASP B 288 5.14 25.82 -29.14
C ASP B 288 5.37 24.32 -29.04
N MET B 289 6.44 23.91 -28.37
CA MET B 289 6.70 22.51 -28.10
C MET B 289 7.22 22.38 -26.69
N TYR B 290 6.90 21.27 -26.05
CA TYR B 290 7.48 20.95 -24.77
C TYR B 290 8.70 20.06 -25.01
N TYR B 291 9.86 20.55 -24.60
CA TYR B 291 11.09 19.77 -24.62
C TYR B 291 11.26 19.15 -23.24
N VAL B 292 11.31 17.83 -23.19
CA VAL B 292 11.44 17.10 -21.94
C VAL B 292 12.76 16.35 -21.98
N TYR B 293 13.72 16.80 -21.17
CA TYR B 293 14.99 16.09 -21.05
C TYR B 293 14.83 15.06 -19.96
N TYR B 294 15.43 13.90 -20.16
CA TYR B 294 15.20 12.83 -19.21
C TYR B 294 16.46 12.01 -19.06
N GLY B 295 16.78 11.70 -17.80
CA GLY B 295 17.72 10.63 -17.56
C GLY B 295 17.18 9.31 -18.09
N ALA B 296 18.08 8.46 -18.55
CA ALA B 296 17.73 7.15 -19.08
C ALA B 296 18.60 6.13 -18.36
N ALA B 297 17.95 5.21 -17.65
CA ALA B 297 18.65 4.16 -16.93
C ALA B 297 19.70 4.75 -15.99
N ASP B 298 19.41 5.93 -15.44
CA ASP B 298 20.34 6.64 -14.57
C ASP B 298 21.77 6.65 -15.13
N THR B 299 21.88 6.69 -16.46
CA THR B 299 23.16 6.59 -17.16
C THR B 299 23.32 7.65 -18.24
N HIS B 300 22.29 7.93 -19.02
CA HIS B 300 22.38 8.89 -20.12
C HIS B 300 21.25 9.90 -19.99
N ILE B 301 21.32 10.92 -20.83
CA ILE B 301 20.25 11.90 -20.99
C ILE B 301 19.69 11.79 -22.40
N GLY B 302 18.38 11.70 -22.50
CA GLY B 302 17.69 11.86 -23.76
C GLY B 302 16.85 13.13 -23.75
N VAL B 303 16.21 13.38 -24.89
CA VAL B 303 15.26 14.48 -25.00
C VAL B 303 14.09 14.00 -25.83
N ALA B 304 12.90 14.36 -25.38
CA ALA B 304 11.67 14.00 -26.09
C ALA B 304 10.77 15.21 -26.05
N VAL B 305 9.90 15.31 -27.06
CA VAL B 305 9.08 16.50 -27.19
C VAL B 305 7.64 16.11 -27.42
N ILE B 306 6.78 17.10 -27.26
CA ILE B 306 5.37 17.00 -27.63
C ILE B 306 4.98 18.37 -28.15
N GLU B 307 4.25 18.40 -29.26
CA GLU B 307 3.59 19.62 -29.67
C GLU B 307 2.67 20.08 -28.56
N LYS B 308 2.79 21.36 -28.18
CA LYS B 308 1.92 21.91 -27.16
C LYS B 308 0.44 21.73 -27.50
N GLU B 309 0.07 21.74 -28.80
CA GLU B 309 -1.35 21.56 -29.16
C GLU B 309 -1.84 20.17 -28.86
N LYS B 310 -0.95 19.20 -28.74
CA LYS B 310 -1.37 17.83 -28.48
C LYS B 310 -1.57 17.53 -27.01
N VAL B 311 -1.27 18.50 -26.13
CA VAL B 311 -1.44 18.29 -24.69
C VAL B 311 -2.91 18.56 -24.37
N LYS B 312 -3.71 17.50 -24.26
CA LYS B 312 -5.07 17.69 -23.79
C LYS B 312 -5.49 16.47 -22.98
N PHE B 313 -6.41 16.71 -22.04
CA PHE B 313 -6.84 15.70 -21.10
C PHE B 313 -8.33 15.38 -21.26
N MET C 12 1.72 -15.30 -36.27
CA MET C 12 1.42 -16.07 -37.46
C MET C 12 1.83 -17.55 -37.33
N PHE C 13 2.49 -17.98 -36.26
CA PHE C 13 2.60 -19.42 -36.04
C PHE C 13 2.41 -19.76 -34.56
N ARG C 14 2.03 -21.02 -34.33
CA ARG C 14 1.55 -21.46 -33.02
C ARG C 14 1.92 -22.92 -32.82
N LEU C 15 1.95 -23.34 -31.56
CA LEU C 15 2.15 -24.74 -31.26
C LEU C 15 0.84 -25.49 -31.42
N THR C 16 0.96 -26.79 -31.68
CA THR C 16 -0.19 -27.68 -31.77
C THR C 16 -0.08 -28.73 -30.68
N ARG C 17 -1.07 -28.78 -29.79
CA ARG C 17 -1.07 -29.80 -28.74
C ARG C 17 -1.03 -31.19 -29.36
N LEU C 18 -0.16 -32.03 -28.84
CA LEU C 18 -0.07 -33.41 -29.31
C LEU C 18 -1.20 -34.25 -28.76
N SER C 19 -1.63 -33.96 -27.53
CA SER C 19 -2.56 -34.74 -26.76
C SER C 19 -3.65 -33.82 -26.24
N ASN C 20 -4.88 -34.31 -26.18
CA ASN C 20 -5.90 -33.51 -25.52
C ASN C 20 -6.03 -33.85 -24.05
N LYS C 21 -5.15 -34.72 -23.55
CA LYS C 21 -4.93 -35.30 -22.24
C LYS C 21 -3.60 -34.83 -21.71
N PRO C 22 -3.47 -34.61 -20.41
CA PRO C 22 -2.14 -34.49 -19.81
C PRO C 22 -1.31 -35.73 -20.13
N ILE C 23 -0.05 -35.51 -20.48
CA ILE C 23 0.84 -36.66 -20.60
C ILE C 23 1.39 -37.07 -19.24
N LEU C 24 1.32 -36.20 -18.24
CA LEU C 24 1.63 -36.58 -16.86
C LEU C 24 0.70 -35.84 -15.91
N SER C 25 0.27 -36.55 -14.88
CA SER C 25 -0.65 -36.02 -13.89
C SER C 25 -0.19 -36.40 -12.49
N PRO C 26 -0.65 -35.69 -11.47
CA PRO C 26 -0.26 -36.06 -10.11
C PRO C 26 -0.70 -37.47 -9.77
N ILE C 27 -0.05 -38.02 -8.75
CA ILE C 27 -0.42 -39.32 -8.20
C ILE C 27 -0.68 -39.09 -6.72
N LYS C 28 -1.96 -39.19 -6.32
CA LYS C 28 -2.38 -38.83 -4.96
C LYS C 28 -1.65 -39.63 -3.91
N GLU C 29 -1.33 -40.90 -4.21
CA GLU C 29 -0.68 -41.80 -3.26
C GLU C 29 0.78 -41.48 -3.02
N HIS C 30 1.38 -40.60 -3.83
CA HIS C 30 2.77 -40.20 -3.69
C HIS C 30 2.78 -38.78 -3.12
N GLU C 31 3.09 -38.66 -1.83
CA GLU C 31 3.07 -37.35 -1.20
C GLU C 31 3.75 -36.31 -2.09
N TRP C 32 4.96 -36.63 -2.56
CA TRP C 32 5.78 -35.62 -3.21
C TRP C 32 5.21 -35.15 -4.54
N GLU C 33 4.29 -35.90 -5.12
CA GLU C 33 3.64 -35.48 -6.36
C GLU C 33 2.12 -35.63 -6.23
N LYS C 34 1.60 -35.39 -5.03
CA LYS C 34 0.18 -35.63 -4.75
C LYS C 34 -0.72 -34.67 -5.50
N GLU C 35 -0.28 -33.44 -5.72
CA GLU C 35 -1.19 -32.42 -6.22
C GLU C 35 -0.82 -31.87 -7.59
N ALA C 36 0.45 -31.87 -7.96
CA ALA C 36 0.85 -31.17 -9.17
C ALA C 36 2.07 -31.82 -9.74
N VAL C 37 2.07 -32.03 -11.05
CA VAL C 37 3.28 -32.29 -11.81
C VAL C 37 3.25 -31.29 -12.95
N PHE C 38 4.32 -30.53 -13.11
CA PHE C 38 4.29 -29.47 -14.09
C PHE C 38 5.70 -28.98 -14.35
N ASN C 39 5.78 -27.91 -15.15
CA ASN C 39 7.00 -27.16 -15.48
C ASN C 39 8.21 -28.07 -15.51
N ALA C 40 8.30 -28.87 -16.57
CA ALA C 40 9.22 -29.97 -16.66
C ALA C 40 10.36 -29.64 -17.61
N ALA C 41 11.59 -29.85 -17.15
CA ALA C 41 12.73 -29.87 -18.05
C ALA C 41 12.66 -31.10 -18.95
N VAL C 42 13.19 -30.99 -20.16
CA VAL C 42 13.22 -32.12 -21.07
C VAL C 42 14.55 -32.19 -21.80
N ILE C 43 15.08 -33.40 -21.90
CA ILE C 43 16.28 -33.70 -22.66
C ILE C 43 15.99 -34.90 -23.54
N TYR C 44 16.39 -34.80 -24.80
CA TYR C 44 16.27 -35.91 -25.73
C TYR C 44 17.66 -36.54 -25.90
N GLU C 45 17.86 -37.70 -25.26
CA GLU C 45 19.11 -38.44 -25.31
C GLU C 45 18.79 -39.92 -25.46
N GLY C 46 19.64 -40.63 -26.20
CA GLY C 46 19.44 -42.05 -26.40
C GLY C 46 18.10 -42.36 -27.01
N ASN C 47 17.59 -41.46 -27.86
CA ASN C 47 16.31 -41.60 -28.54
C ASN C 47 15.15 -41.76 -27.55
N LYS C 48 15.28 -41.11 -26.40
CA LYS C 48 14.23 -41.07 -25.39
C LYS C 48 14.06 -39.63 -24.92
N PHE C 49 12.82 -39.27 -24.63
CA PHE C 49 12.53 -38.02 -23.94
C PHE C 49 12.77 -38.23 -22.45
N HIS C 50 13.67 -37.44 -21.87
CA HIS C 50 13.96 -37.45 -20.44
C HIS C 50 13.32 -36.22 -19.83
N LEU C 51 12.25 -36.43 -19.08
CA LEU C 51 11.45 -35.34 -18.52
C LEU C 51 11.76 -35.22 -17.04
N PHE C 52 12.13 -34.02 -16.62
CA PHE C 52 12.39 -33.78 -15.20
C PHE C 52 11.36 -32.76 -14.74
N TYR C 53 10.40 -33.21 -13.95
CA TYR C 53 9.19 -32.45 -13.74
C TYR C 53 9.11 -31.95 -12.31
N ARG C 54 8.61 -30.74 -12.17
CA ARG C 54 8.31 -30.22 -10.84
C ARG C 54 7.06 -30.88 -10.30
N ALA C 55 7.15 -31.38 -9.08
CA ALA C 55 6.02 -32.02 -8.43
C ALA C 55 5.78 -31.33 -7.10
N SER C 56 4.52 -31.11 -6.79
CA SER C 56 4.11 -30.45 -5.56
C SER C 56 3.28 -31.39 -4.71
N ASN C 57 3.56 -31.42 -3.41
CA ASN C 57 2.76 -32.16 -2.46
C ASN C 57 1.47 -31.45 -2.10
N ASN C 58 1.27 -30.22 -2.55
CA ASN C 58 0.19 -29.43 -2.02
C ASN C 58 -0.32 -28.48 -3.07
N LYS C 59 -1.51 -27.94 -2.83
CA LYS C 59 -2.03 -26.85 -3.63
C LYS C 59 -1.22 -25.59 -3.35
N PHE C 60 -1.51 -24.53 -4.10
CA PHE C 60 -0.70 -23.33 -4.05
C PHE C 60 -1.56 -22.17 -3.57
N VAL C 61 -1.50 -21.91 -2.27
CA VAL C 61 -2.11 -20.70 -1.73
C VAL C 61 -1.08 -19.58 -1.92
N LEU C 62 -1.36 -18.66 -2.82
CA LEU C 62 -0.39 -17.63 -3.15
C LEU C 62 -0.84 -16.23 -2.72
N ASN C 63 -2.04 -16.09 -2.14
CA ASN C 63 -2.60 -14.77 -1.89
C ASN C 63 -2.27 -14.24 -0.50
N THR C 64 -1.64 -15.02 0.36
CA THR C 64 -1.24 -14.52 1.66
C THR C 64 -0.15 -13.46 1.52
N GLU C 65 -0.12 -12.55 2.48
CA GLU C 65 0.86 -11.47 2.42
C GLU C 65 2.28 -12.02 2.46
N LYS C 66 2.46 -13.13 3.16
CA LYS C 66 3.73 -13.84 3.31
C LYS C 66 3.46 -15.32 3.10
N PRO C 67 4.46 -16.11 2.73
CA PRO C 67 4.26 -17.57 2.72
C PRO C 67 4.03 -18.06 4.14
N GLU C 68 2.96 -18.84 4.32
CA GLU C 68 2.54 -19.33 5.62
C GLU C 68 2.81 -20.82 5.72
N GLU C 69 3.45 -21.22 6.82
CA GLU C 69 3.74 -22.64 7.03
C GLU C 69 2.50 -23.50 6.87
N LYS C 70 1.34 -22.98 7.27
CA LYS C 70 0.09 -23.73 7.15
C LYS C 70 -0.26 -23.98 5.69
N TYR C 71 0.20 -23.13 4.77
CA TYR C 71 -0.03 -23.35 3.34
C TYR C 71 1.24 -23.74 2.61
N LYS C 72 2.24 -24.22 3.36
CA LYS C 72 3.49 -24.61 2.74
C LYS C 72 3.25 -25.64 1.66
N PHE C 73 3.82 -25.40 0.49
CA PHE C 73 3.91 -26.41 -0.55
C PHE C 73 5.39 -26.71 -0.76
N VAL C 74 5.67 -27.96 -1.14
CA VAL C 74 7.03 -28.44 -1.31
C VAL C 74 7.14 -28.97 -2.73
N SER C 75 7.99 -28.34 -3.53
CA SER C 75 8.24 -28.80 -4.87
C SER C 75 9.40 -29.77 -4.87
N SER C 76 9.20 -30.91 -5.52
CA SER C 76 10.25 -31.87 -5.81
C SER C 76 10.43 -31.94 -7.32
N ILE C 77 11.48 -32.62 -7.74
CA ILE C 77 11.70 -32.87 -9.16
C ILE C 77 11.69 -34.37 -9.39
N GLY C 78 10.74 -34.84 -10.21
CA GLY C 78 10.66 -36.22 -10.57
C GLY C 78 11.23 -36.47 -11.96
N TYR C 79 11.47 -37.74 -12.24
CA TYR C 79 11.97 -38.15 -13.53
C TYR C 79 10.91 -38.98 -14.23
N ALA C 80 10.81 -38.82 -15.55
CA ALA C 80 9.96 -39.65 -16.36
C ALA C 80 10.65 -39.81 -17.69
N VAL C 81 10.42 -40.93 -18.36
CA VAL C 81 11.11 -41.21 -19.61
C VAL C 81 10.12 -41.79 -20.61
N SER C 82 10.27 -41.39 -21.87
CA SER C 82 9.38 -41.80 -22.95
C SER C 82 10.19 -42.04 -24.20
N GLU C 83 9.74 -43.01 -25.00
CA GLU C 83 10.34 -43.15 -26.33
C GLU C 83 9.58 -42.37 -27.39
N ASP C 84 8.28 -42.20 -27.24
CA ASP C 84 7.47 -41.45 -28.21
C ASP C 84 7.12 -40.05 -27.74
N GLY C 85 7.58 -39.65 -26.56
CA GLY C 85 7.30 -38.31 -26.08
C GLY C 85 5.88 -38.07 -25.62
N ILE C 86 5.02 -39.09 -25.66
CA ILE C 86 3.65 -38.99 -25.22
C ILE C 86 3.40 -39.86 -24.00
N ASN C 87 3.87 -41.10 -24.03
CA ASN C 87 3.66 -42.05 -22.96
C ASN C 87 4.94 -42.19 -22.16
N PHE C 88 4.87 -41.84 -20.88
CA PHE C 88 6.05 -41.76 -20.05
C PHE C 88 6.00 -42.82 -18.96
N GLU C 89 7.15 -43.46 -18.73
CA GLU C 89 7.36 -44.24 -17.52
C GLU C 89 7.74 -43.33 -16.37
N ARG C 90 7.23 -43.63 -15.17
CA ARG C 90 7.43 -42.80 -13.98
C ARG C 90 8.01 -43.63 -12.85
N PHE C 91 8.35 -42.95 -11.74
CA PHE C 91 9.09 -43.59 -10.67
C PHE C 91 8.54 -43.18 -9.31
N ASP C 92 8.71 -44.09 -8.34
CA ASP C 92 8.12 -43.92 -7.02
C ASP C 92 8.61 -42.66 -6.31
N LYS C 93 9.81 -42.19 -6.64
CA LYS C 93 10.49 -41.20 -5.82
C LYS C 93 11.07 -40.09 -6.69
N PRO C 94 11.12 -38.88 -6.18
CA PRO C 94 11.75 -37.79 -6.93
C PRO C 94 13.24 -38.05 -7.04
N VAL C 95 13.83 -37.46 -8.07
CA VAL C 95 15.28 -37.55 -8.26
C VAL C 95 16.00 -36.40 -7.55
N LEU C 96 15.35 -35.27 -7.35
CA LEU C 96 15.93 -34.20 -6.56
C LEU C 96 14.86 -33.59 -5.68
N VAL C 97 15.31 -33.14 -4.53
CA VAL C 97 14.43 -32.66 -3.50
C VAL C 97 15.07 -31.38 -2.98
N GLY C 98 14.24 -30.47 -2.45
CA GLY C 98 14.79 -29.29 -1.83
C GLY C 98 15.56 -29.68 -0.59
N GLU C 99 16.80 -29.25 -0.50
CA GLU C 99 17.56 -29.49 0.71
C GLU C 99 17.05 -28.57 1.81
N ILE C 100 16.77 -29.15 2.97
CA ILE C 100 16.13 -28.41 4.06
C ILE C 100 17.22 -27.81 4.93
N PRO C 101 17.16 -26.51 5.26
CA PRO C 101 16.05 -25.59 5.00
C PRO C 101 16.26 -24.59 3.86
N GLN C 102 17.46 -24.56 3.28
CA GLN C 102 17.77 -23.53 2.29
C GLN C 102 16.79 -23.58 1.11
N GLU C 103 16.36 -24.78 0.71
CA GLU C 103 15.30 -24.96 -0.29
C GLU C 103 14.07 -25.59 0.36
N ALA C 104 13.59 -25.01 1.46
CA ALA C 104 12.61 -25.71 2.30
C ALA C 104 11.32 -25.96 1.55
N TRP C 105 10.90 -25.03 0.69
CA TRP C 105 9.68 -25.24 -0.09
C TRP C 105 9.99 -25.86 -1.44
N GLY C 106 11.21 -26.33 -1.63
CA GLY C 106 11.54 -27.23 -2.71
C GLY C 106 12.26 -26.57 -3.88
N VAL C 107 12.19 -27.27 -5.00
CA VAL C 107 13.01 -26.96 -6.17
C VAL C 107 12.07 -26.91 -7.37
N GLU C 108 12.11 -25.81 -8.13
CA GLU C 108 11.03 -25.50 -9.05
C GLU C 108 11.54 -25.35 -10.48
N ASP C 109 10.67 -25.67 -11.43
CA ASP C 109 10.81 -25.23 -12.82
C ASP C 109 12.19 -25.50 -13.42
N PRO C 110 12.66 -26.76 -13.40
CA PRO C 110 14.02 -27.02 -13.88
C PRO C 110 14.14 -26.71 -15.37
N ARG C 111 15.28 -26.17 -15.75
CA ARG C 111 15.70 -26.08 -17.14
C ARG C 111 17.01 -26.83 -17.25
N ILE C 112 17.10 -27.74 -18.21
CA ILE C 112 18.29 -28.55 -18.38
C ILE C 112 18.91 -28.20 -19.72
N THR C 113 20.20 -27.90 -19.70
CA THR C 113 21.00 -27.59 -20.85
C THR C 113 22.17 -28.54 -20.88
N LYS C 114 22.45 -29.13 -22.04
CA LYS C 114 23.62 -29.96 -22.21
C LYS C 114 24.72 -29.11 -22.83
N ILE C 115 25.90 -29.10 -22.20
CA ILE C 115 27.08 -28.45 -22.77
C ILE C 115 28.26 -29.39 -22.62
N ASP C 116 28.94 -29.67 -23.72
CA ASP C 116 30.12 -30.54 -23.74
C ASP C 116 29.92 -31.79 -22.88
N ASN C 117 28.84 -32.51 -23.19
CA ASN C 117 28.59 -33.80 -22.58
C ASN C 117 28.30 -33.71 -21.11
N LYS C 118 28.00 -32.52 -20.59
CA LYS C 118 27.50 -32.37 -19.24
C LYS C 118 26.10 -31.78 -19.28
N TYR C 119 25.28 -32.20 -18.35
CA TYR C 119 23.91 -31.72 -18.25
C TYR C 119 23.84 -30.77 -17.07
N TYR C 120 23.36 -29.56 -17.32
CA TYR C 120 23.21 -28.54 -16.30
C TYR C 120 21.73 -28.31 -16.06
N MET C 121 21.28 -28.59 -14.84
CA MET C 121 19.90 -28.33 -14.47
C MET C 121 19.83 -27.06 -13.62
N LEU C 122 19.18 -26.04 -14.15
CA LEU C 122 18.96 -24.79 -13.42
C LEU C 122 17.54 -24.78 -12.90
N TYR C 123 17.38 -24.53 -11.61
CA TYR C 123 16.06 -24.54 -11.00
C TYR C 123 15.95 -23.45 -9.97
N THR C 124 14.73 -23.13 -9.58
CA THR C 124 14.51 -22.16 -8.53
C THR C 124 14.43 -22.88 -7.20
N GLY C 125 15.36 -22.58 -6.30
CA GLY C 125 15.27 -23.01 -4.92
C GLY C 125 14.41 -22.02 -4.17
N PHE C 126 13.43 -22.54 -3.44
CA PHE C 126 12.45 -21.71 -2.75
C PHE C 126 12.53 -22.06 -1.28
N GLY C 127 12.95 -21.09 -0.47
CA GLY C 127 13.07 -21.30 0.96
C GLY C 127 11.79 -21.02 1.73
N GLY C 128 10.85 -20.32 1.12
CA GLY C 128 9.54 -20.06 1.72
C GLY C 128 9.53 -19.07 2.87
N ARG C 129 10.64 -18.36 3.12
CA ARG C 129 10.68 -17.49 4.30
C ARG C 129 10.05 -16.13 4.05
N ASP C 130 10.02 -15.71 2.78
CA ASP C 130 9.21 -14.60 2.30
C ASP C 130 8.96 -14.88 0.82
N TRP C 131 8.16 -14.05 0.16
CA TRP C 131 7.86 -14.40 -1.24
C TRP C 131 9.04 -14.12 -2.17
N LEU C 132 10.08 -13.42 -1.70
CA LEU C 132 11.28 -13.21 -2.49
C LEU C 132 12.37 -14.20 -2.14
N ASP C 133 12.09 -15.17 -1.27
CA ASP C 133 13.06 -16.14 -0.78
C ASP C 133 13.30 -17.27 -1.80
N PHE C 134 13.69 -16.87 -3.01
CA PHE C 134 13.92 -17.84 -4.07
C PHE C 134 15.19 -17.44 -4.80
N ARG C 135 15.82 -18.41 -5.46
CA ARG C 135 17.00 -18.09 -6.25
C ARG C 135 17.26 -19.21 -7.24
N ILE C 136 18.07 -18.89 -8.24
CA ILE C 136 18.49 -19.86 -9.24
C ILE C 136 19.56 -20.75 -8.65
N CYS C 137 19.30 -22.04 -8.57
CA CYS C 137 20.33 -22.99 -8.24
C CYS C 137 20.63 -23.84 -9.45
N MET C 138 21.81 -24.44 -9.43
CA MET C 138 22.26 -25.28 -10.53
C MET C 138 22.92 -26.52 -9.98
N VAL C 139 22.51 -27.67 -10.48
CA VAL C 139 23.24 -28.92 -10.31
C VAL C 139 23.66 -29.36 -11.70
N TRP C 140 24.48 -30.40 -11.74
CA TRP C 140 24.88 -30.93 -13.02
C TRP C 140 25.14 -32.43 -12.91
N SER C 141 25.28 -33.05 -14.07
CA SER C 141 25.58 -34.46 -14.17
C SER C 141 26.11 -34.70 -15.57
N ASP C 142 26.73 -35.85 -15.78
CA ASP C 142 27.06 -36.28 -17.14
C ASP C 142 26.24 -37.49 -17.57
N ASP C 143 25.26 -37.90 -16.77
CA ASP C 143 24.41 -39.01 -17.19
C ASP C 143 22.92 -38.77 -16.93
N LEU C 144 22.50 -37.56 -16.55
CA LEU C 144 21.12 -37.23 -16.24
C LEU C 144 20.60 -37.96 -15.01
N LYS C 145 21.47 -38.65 -14.28
CA LYS C 145 21.06 -39.42 -13.11
C LYS C 145 21.72 -38.92 -11.85
N ASN C 146 23.03 -38.65 -11.89
CA ASN C 146 23.78 -38.38 -10.66
C ASN C 146 24.03 -36.88 -10.60
N TRP C 147 23.04 -36.17 -10.10
CA TRP C 147 23.14 -34.74 -9.96
C TRP C 147 24.06 -34.39 -8.80
N LYS C 148 24.80 -33.32 -8.96
CA LYS C 148 25.89 -32.98 -8.05
C LYS C 148 26.20 -31.51 -8.27
N GLY C 149 27.08 -30.98 -7.41
CA GLY C 149 27.65 -29.68 -7.66
C GLY C 149 26.73 -28.51 -7.42
N HIS C 150 25.69 -28.69 -6.60
CA HIS C 150 24.72 -27.64 -6.37
C HIS C 150 25.39 -26.31 -6.05
N ARG C 151 24.83 -25.25 -6.59
CA ARG C 151 25.33 -23.92 -6.27
C ARG C 151 24.22 -22.92 -6.54
N ILE C 152 24.24 -21.84 -5.79
CA ILE C 152 23.42 -20.68 -6.08
C ILE C 152 24.09 -19.92 -7.22
N VAL C 153 23.40 -19.86 -8.36
CA VAL C 153 23.94 -19.25 -9.57
C VAL C 153 24.07 -17.74 -9.39
N LEU C 154 23.01 -17.10 -8.94
CA LEU C 154 23.00 -15.68 -8.66
C LEU C 154 22.43 -15.50 -7.27
N ASP C 155 23.18 -14.82 -6.43
CA ASP C 155 22.79 -14.55 -5.05
C ASP C 155 21.84 -13.35 -5.07
N GLU C 156 20.59 -13.62 -5.39
CA GLU C 156 19.58 -12.58 -5.56
C GLU C 156 18.25 -13.23 -5.86
N PRO C 157 17.13 -12.56 -5.58
CA PRO C 157 15.83 -13.14 -5.96
C PRO C 157 15.73 -13.22 -7.46
N ASN C 158 15.70 -14.43 -7.99
CA ASN C 158 15.82 -14.61 -9.42
C ASN C 158 15.36 -16.01 -9.78
N LYS C 159 14.94 -16.18 -11.02
CA LYS C 159 14.33 -17.42 -11.50
C LYS C 159 14.29 -17.37 -13.01
N ASP C 160 13.54 -18.29 -13.63
CA ASP C 160 13.42 -18.34 -15.09
C ASP C 160 14.79 -18.32 -15.73
N ALA C 161 15.64 -19.26 -15.31
CA ALA C 161 17.02 -19.28 -15.72
C ALA C 161 17.31 -20.51 -16.58
N ALA C 162 18.09 -20.30 -17.63
CA ALA C 162 18.56 -21.38 -18.47
C ALA C 162 19.96 -21.02 -18.97
N LEU C 163 20.77 -22.04 -19.20
CA LEU C 163 22.06 -21.85 -19.86
C LEU C 163 21.90 -22.09 -21.36
N LEU C 164 22.66 -21.33 -22.14
CA LEU C 164 22.79 -21.65 -23.55
C LEU C 164 23.58 -22.94 -23.70
N SER C 165 23.26 -23.71 -24.76
CA SER C 165 23.86 -25.03 -24.92
C SER C 165 25.28 -24.99 -25.47
N GLU C 166 25.82 -23.81 -25.77
CA GLU C 166 27.24 -23.68 -26.08
C GLU C 166 27.74 -22.31 -25.67
N LYS C 167 29.07 -22.19 -25.63
CA LYS C 167 29.70 -20.93 -25.30
C LYS C 167 29.60 -19.94 -26.46
N ILE C 168 29.61 -18.65 -26.11
CA ILE C 168 29.66 -17.56 -27.08
C ILE C 168 30.98 -16.83 -26.83
N ASN C 169 31.83 -16.79 -27.85
CA ASN C 169 33.17 -16.19 -27.76
C ASN C 169 33.85 -16.65 -26.48
N GLY C 170 33.81 -17.95 -26.24
CA GLY C 170 34.51 -18.55 -25.12
C GLY C 170 33.81 -18.44 -23.78
N LYS C 171 32.59 -17.89 -23.72
CA LYS C 171 31.93 -17.67 -22.44
C LYS C 171 30.61 -18.40 -22.38
N TYR C 172 30.35 -19.04 -21.24
CA TYR C 172 29.03 -19.59 -20.95
C TYR C 172 28.00 -18.47 -20.90
N VAL C 173 26.75 -18.82 -21.22
CA VAL C 173 25.69 -17.84 -21.37
C VAL C 173 24.53 -18.24 -20.48
N LEU C 174 24.16 -17.35 -19.57
CA LEU C 174 23.03 -17.55 -18.66
C LEU C 174 21.92 -16.60 -19.06
N PHE C 175 20.72 -17.14 -19.21
CA PHE C 175 19.52 -16.33 -19.28
C PHE C 175 18.87 -16.33 -17.92
N HIS C 176 18.44 -15.16 -17.45
CA HIS C 176 17.79 -15.12 -16.15
C HIS C 176 16.70 -14.06 -16.21
N ARG C 177 16.19 -13.67 -15.05
CA ARG C 177 14.95 -12.92 -15.05
C ARG C 177 14.90 -12.12 -13.76
N ARG C 178 15.72 -11.09 -13.70
CA ARG C 178 15.41 -9.98 -12.80
C ARG C 178 14.11 -9.37 -13.27
N MET C 179 13.13 -9.36 -12.38
CA MET C 179 11.78 -8.97 -12.72
C MET C 179 11.77 -7.62 -13.42
N PRO C 180 11.04 -7.44 -14.52
CA PRO C 180 10.17 -8.38 -15.24
C PRO C 180 10.72 -8.85 -16.57
N ASP C 181 12.03 -8.71 -16.78
CA ASP C 181 12.61 -8.86 -18.11
C ASP C 181 13.40 -10.15 -18.22
N ILE C 182 13.68 -10.55 -19.45
CA ILE C 182 14.66 -11.62 -19.67
C ILE C 182 16.04 -10.99 -19.73
N TRP C 183 16.94 -11.49 -18.89
CA TRP C 183 18.32 -11.04 -18.83
C TRP C 183 19.25 -12.10 -19.38
N ILE C 184 20.38 -11.65 -19.91
CA ILE C 184 21.49 -12.49 -20.29
C ILE C 184 22.68 -12.10 -19.43
N ALA C 185 23.55 -13.07 -19.16
CA ALA C 185 24.82 -12.82 -18.50
C ALA C 185 25.85 -13.81 -19.02
N TYR C 186 27.12 -13.52 -18.74
CA TYR C 186 28.22 -14.32 -19.27
C TYR C 186 29.14 -14.77 -18.14
N SER C 187 29.79 -15.91 -18.34
CA SER C 187 30.67 -16.52 -17.36
C SER C 187 31.84 -17.22 -18.04
N ASP C 188 32.98 -17.21 -17.36
CA ASP C 188 34.11 -18.06 -17.73
C ASP C 188 34.07 -19.42 -17.06
N ASP C 189 33.46 -19.49 -15.88
CA ASP C 189 33.65 -20.59 -14.95
C ASP C 189 32.35 -21.24 -14.49
N LEU C 190 31.19 -20.78 -14.99
CA LEU C 190 29.89 -21.25 -14.53
C LEU C 190 29.68 -20.99 -13.03
N VAL C 191 30.38 -20.00 -12.49
CA VAL C 191 30.21 -19.63 -11.08
C VAL C 191 30.00 -18.13 -10.99
N ASN C 192 30.79 -17.34 -11.73
CA ASN C 192 30.76 -15.88 -11.71
C ASN C 192 30.21 -15.33 -13.01
N TRP C 193 29.19 -14.51 -12.91
CA TRP C 193 28.53 -13.96 -14.07
C TRP C 193 28.76 -12.45 -14.11
N TYR C 194 28.91 -11.92 -15.31
CA TYR C 194 29.19 -10.51 -15.50
C TYR C 194 28.50 -10.07 -16.78
N ASN C 195 28.55 -8.76 -17.02
CA ASN C 195 27.94 -8.15 -18.20
C ASN C 195 26.45 -8.47 -18.27
N HIS C 196 25.79 -8.43 -17.12
CA HIS C 196 24.34 -8.60 -17.06
C HIS C 196 23.67 -7.59 -17.97
N LYS C 197 22.65 -8.04 -18.69
CA LYS C 197 22.00 -7.12 -19.61
C LYS C 197 20.59 -7.61 -19.89
N ILE C 198 19.64 -6.67 -19.96
CA ILE C 198 18.30 -7.03 -20.40
C ILE C 198 18.31 -7.24 -21.91
N ILE C 199 17.70 -8.34 -22.36
CA ILE C 199 17.62 -8.63 -23.79
C ILE C 199 16.20 -8.54 -24.31
N MET C 200 15.19 -8.69 -23.45
CA MET C 200 13.81 -8.65 -23.88
C MET C 200 12.94 -8.25 -22.70
N SER C 201 11.89 -7.49 -22.99
CA SER C 201 11.01 -6.92 -21.99
C SER C 201 9.54 -7.23 -22.27
N PRO C 202 8.68 -7.13 -21.26
CA PRO C 202 7.24 -7.26 -21.53
C PRO C 202 6.79 -6.12 -22.44
N LYS C 203 5.57 -6.26 -22.93
CA LYS C 203 4.97 -5.22 -23.77
C LYS C 203 3.64 -4.80 -23.14
N SER C 204 3.52 -3.52 -22.83
CA SER C 204 2.34 -2.98 -22.19
C SER C 204 1.09 -3.30 -22.98
N HIS C 205 -0.02 -3.50 -22.27
CA HIS C 205 -1.34 -3.65 -22.88
C HIS C 205 -1.36 -4.76 -23.91
N THR C 206 -0.68 -5.86 -23.61
CA THR C 206 -0.72 -7.08 -24.39
C THR C 206 -0.84 -8.25 -23.43
N TRP C 207 -0.88 -9.45 -24.02
CA TRP C 207 -0.87 -10.68 -23.25
C TRP C 207 0.43 -10.88 -22.48
N GLU C 208 1.47 -10.14 -22.81
CA GLU C 208 2.75 -10.29 -22.14
C GLU C 208 3.13 -8.99 -21.44
N SER C 209 2.18 -8.41 -20.71
CA SER C 209 2.35 -7.08 -20.13
C SER C 209 2.98 -7.10 -18.74
N LYS C 210 2.65 -8.08 -17.91
CA LYS C 210 3.15 -7.95 -16.54
C LYS C 210 4.62 -8.35 -16.45
N LYS C 211 4.98 -9.46 -17.04
CA LYS C 211 6.36 -9.93 -16.98
C LYS C 211 6.55 -10.98 -18.05
N ILE C 212 7.82 -11.21 -18.38
CA ILE C 212 8.17 -12.32 -19.24
C ILE C 212 9.31 -13.05 -18.57
N GLY C 213 9.56 -14.25 -19.06
CA GLY C 213 10.70 -15.04 -18.63
C GLY C 213 10.96 -16.12 -19.66
N ILE C 214 12.19 -16.59 -19.72
CA ILE C 214 12.53 -17.62 -20.69
C ILE C 214 11.70 -18.86 -20.39
N ALA C 215 11.44 -19.64 -21.44
CA ALA C 215 10.81 -20.93 -21.24
C ALA C 215 11.92 -21.96 -21.08
N GLY C 216 12.01 -22.90 -21.99
CA GLY C 216 13.14 -23.80 -22.00
C GLY C 216 14.37 -23.10 -22.56
N PRO C 217 15.51 -23.79 -22.47
CA PRO C 217 16.75 -23.23 -23.02
C PRO C 217 16.61 -23.02 -24.52
N PRO C 218 17.18 -21.95 -25.07
CA PRO C 218 16.95 -21.67 -26.49
C PRO C 218 17.42 -22.83 -27.34
N ILE C 219 16.73 -23.02 -28.46
CA ILE C 219 17.04 -24.11 -29.38
C ILE C 219 17.85 -23.53 -30.52
N LYS C 220 18.97 -24.17 -30.85
CA LYS C 220 19.81 -23.69 -31.92
C LYS C 220 19.15 -23.95 -33.27
N ARG C 221 19.17 -22.93 -34.11
CA ARG C 221 18.69 -23.03 -35.49
C ARG C 221 19.78 -22.48 -36.39
N GLU C 222 19.57 -22.63 -37.70
CA GLU C 222 20.48 -22.04 -38.66
C GLU C 222 20.30 -20.53 -38.72
N ASP C 223 19.10 -20.04 -38.36
CA ASP C 223 18.80 -18.63 -38.46
C ASP C 223 18.90 -17.91 -37.12
N GLY C 224 19.29 -18.60 -36.07
CA GLY C 224 19.36 -17.99 -34.76
C GLY C 224 19.03 -19.00 -33.68
N TRP C 225 18.78 -18.48 -32.49
CA TRP C 225 18.40 -19.28 -31.34
C TRP C 225 16.91 -19.09 -31.11
N LEU C 226 16.16 -20.18 -31.21
CA LEU C 226 14.73 -20.14 -30.92
C LEU C 226 14.56 -19.88 -29.43
N LEU C 227 13.89 -18.80 -29.09
CA LEU C 227 13.65 -18.46 -27.69
C LEU C 227 12.16 -18.51 -27.44
N ILE C 228 11.65 -19.68 -27.06
CA ILE C 228 10.31 -19.73 -26.50
C ILE C 228 10.35 -19.08 -25.12
N TYR C 229 9.30 -18.35 -24.78
CA TYR C 229 9.26 -17.70 -23.49
C TYR C 229 7.83 -17.71 -22.99
N HIS C 230 7.65 -17.38 -21.71
CA HIS C 230 6.31 -17.15 -21.22
C HIS C 230 6.07 -15.68 -20.96
N GLY C 231 4.85 -15.27 -21.22
CA GLY C 231 4.42 -13.93 -20.94
C GLY C 231 3.20 -13.99 -20.05
N VAL C 232 3.08 -12.97 -19.19
CA VAL C 232 2.04 -12.91 -18.18
C VAL C 232 1.27 -11.63 -18.39
N ASP C 233 -0.06 -11.75 -18.53
CA ASP C 233 -0.86 -10.57 -18.76
C ASP C 233 -1.26 -9.94 -17.42
N ASN C 234 -2.04 -8.86 -17.48
CA ASN C 234 -2.37 -8.16 -16.25
C ASN C 234 -3.20 -9.02 -15.29
N ASN C 235 -3.80 -10.10 -15.78
CA ASN C 235 -4.56 -11.01 -14.93
C ASN C 235 -3.83 -12.30 -14.65
N ASN C 236 -2.51 -12.30 -14.84
CA ASN C 236 -1.66 -13.41 -14.44
C ASN C 236 -1.97 -14.67 -15.24
N VAL C 237 -2.51 -14.51 -16.44
CA VAL C 237 -2.55 -15.62 -17.38
C VAL C 237 -1.14 -15.84 -17.91
N TYR C 238 -0.71 -17.09 -17.94
CA TYR C 238 0.59 -17.42 -18.51
C TYR C 238 0.38 -17.99 -19.89
N ARG C 239 1.05 -17.41 -20.88
CA ARG C 239 1.06 -17.90 -22.24
C ARG C 239 2.49 -18.04 -22.72
N LEU C 240 2.68 -18.80 -23.79
CA LEU C 240 4.00 -18.96 -24.40
C LEU C 240 4.09 -18.09 -25.63
N GLY C 241 5.15 -17.28 -25.69
CA GLY C 241 5.53 -16.57 -26.89
C GLY C 241 6.81 -17.17 -27.44
N VAL C 242 7.27 -16.60 -28.55
CA VAL C 242 8.48 -17.07 -29.19
C VAL C 242 9.23 -15.89 -29.79
N ALA C 243 10.55 -15.95 -29.70
CA ALA C 243 11.42 -14.97 -30.31
C ALA C 243 12.61 -15.70 -30.92
N LEU C 244 13.39 -14.99 -31.73
CA LEU C 244 14.58 -15.54 -32.34
C LEU C 244 15.77 -14.66 -31.97
N LEU C 245 16.79 -15.27 -31.38
CA LEU C 245 18.01 -14.59 -31.00
C LEU C 245 19.07 -14.69 -32.09
N ASP C 246 19.89 -13.65 -32.22
CA ASP C 246 20.94 -13.70 -33.23
C ASP C 246 21.84 -14.88 -32.94
N LEU C 247 22.23 -15.60 -34.00
CA LEU C 247 22.95 -16.86 -33.79
C LEU C 247 24.30 -16.64 -33.13
N LYS C 248 25.03 -15.59 -33.56
CA LYS C 248 26.37 -15.33 -33.03
C LYS C 248 26.34 -14.48 -31.77
N ASP C 249 25.27 -13.69 -31.56
CA ASP C 249 25.16 -12.81 -30.39
C ASP C 249 23.75 -12.94 -29.84
N PRO C 250 23.50 -13.93 -28.99
CA PRO C 250 22.14 -14.18 -28.52
C PRO C 250 21.67 -13.14 -27.53
N SER C 251 22.41 -12.05 -27.35
CA SER C 251 21.86 -10.91 -26.65
C SER C 251 20.94 -10.07 -27.52
N LYS C 252 21.00 -10.24 -28.84
CA LYS C 252 20.18 -9.46 -29.77
C LYS C 252 18.99 -10.30 -30.19
N VAL C 253 17.79 -9.80 -29.92
CA VAL C 253 16.57 -10.39 -30.44
C VAL C 253 16.38 -9.87 -31.86
N ILE C 254 16.41 -10.78 -32.83
CA ILE C 254 16.25 -10.36 -34.22
C ILE C 254 14.81 -10.57 -34.71
N ALA C 255 14.03 -11.39 -34.02
CA ALA C 255 12.63 -11.54 -34.35
C ALA C 255 11.86 -11.86 -33.07
N ARG C 256 10.62 -11.44 -33.05
CA ARG C 256 9.73 -11.75 -31.93
C ARG C 256 8.31 -11.75 -32.47
N GLN C 257 7.58 -12.83 -32.24
CA GLN C 257 6.22 -12.89 -32.71
C GLN C 257 5.29 -12.15 -31.76
N LYS C 258 4.38 -11.37 -32.33
CA LYS C 258 3.44 -10.59 -31.52
C LYS C 258 2.50 -11.50 -30.72
N GLU C 259 2.04 -12.54 -31.29
CA GLU C 259 1.02 -13.31 -30.63
C GLU C 259 1.60 -14.54 -29.96
N PRO C 260 0.95 -15.06 -28.92
CA PRO C 260 1.47 -16.26 -28.26
C PRO C 260 1.43 -17.46 -29.20
N ILE C 261 2.27 -18.45 -28.89
CA ILE C 261 2.25 -19.71 -29.63
C ILE C 261 1.50 -20.79 -28.87
N LEU C 262 1.13 -20.53 -27.62
CA LEU C 262 0.34 -21.45 -26.83
C LEU C 262 -0.33 -20.61 -25.75
N GLU C 263 -1.57 -20.96 -25.43
CA GLU C 263 -2.28 -20.24 -24.39
C GLU C 263 -3.26 -21.21 -23.75
N PRO C 264 -3.69 -20.96 -22.52
CA PRO C 264 -4.67 -21.86 -21.90
C PRO C 264 -5.95 -21.91 -22.72
N GLU C 265 -6.32 -23.12 -23.15
CA GLU C 265 -7.52 -23.43 -23.91
C GLU C 265 -8.29 -24.61 -23.35
N LEU C 266 -7.61 -25.65 -22.93
CA LEU C 266 -8.29 -26.83 -22.45
C LEU C 266 -8.64 -26.66 -20.98
N ASP C 267 -9.61 -27.47 -20.53
CA ASP C 267 -10.06 -27.33 -19.15
C ASP C 267 -8.92 -27.53 -18.17
N TRP C 268 -8.03 -28.49 -18.44
CA TRP C 268 -6.95 -28.74 -17.51
C TRP C 268 -5.78 -27.78 -17.71
N GLU C 269 -5.88 -26.86 -18.68
CA GLU C 269 -4.97 -25.72 -18.72
C GLU C 269 -5.59 -24.47 -18.11
N ILE C 270 -6.91 -24.32 -18.25
CA ILE C 270 -7.55 -23.13 -17.72
C ILE C 270 -7.83 -23.29 -16.23
N ASN C 271 -8.35 -24.45 -15.83
CA ASN C 271 -8.66 -24.75 -14.43
C ASN C 271 -7.56 -25.59 -13.80
N GLY C 272 -7.33 -25.41 -12.51
CA GLY C 272 -6.36 -26.20 -11.78
C GLY C 272 -5.82 -25.41 -10.61
N LEU C 273 -4.71 -25.92 -10.06
CA LEU C 273 -4.13 -25.32 -8.85
C LEU C 273 -3.78 -23.86 -9.06
N VAL C 274 -3.22 -23.52 -10.21
CA VAL C 274 -3.06 -22.12 -10.62
C VAL C 274 -3.76 -21.96 -11.96
N PRO C 275 -4.98 -21.43 -11.96
CA PRO C 275 -5.74 -21.33 -13.21
C PRO C 275 -5.06 -20.46 -14.26
N ASN C 276 -5.31 -20.80 -15.53
CA ASN C 276 -4.90 -19.99 -16.69
C ASN C 276 -3.38 -19.95 -16.84
N VAL C 277 -2.78 -21.14 -16.92
CA VAL C 277 -1.33 -21.21 -17.06
C VAL C 277 -1.00 -22.30 -18.06
N VAL C 278 -0.21 -21.94 -19.07
CA VAL C 278 0.67 -22.87 -19.76
C VAL C 278 2.10 -22.38 -19.59
N PHE C 279 3.02 -23.30 -19.31
CA PHE C 279 4.37 -22.93 -18.91
C PHE C 279 5.34 -24.02 -19.34
N SER C 280 6.31 -23.68 -20.17
CA SER C 280 7.33 -24.62 -20.59
C SER C 280 8.68 -24.29 -19.93
N CYS C 281 9.33 -25.34 -19.39
CA CYS C 281 10.73 -25.32 -18.98
C CYS C 281 11.61 -26.18 -19.88
N GLY C 282 11.06 -26.71 -20.96
CA GLY C 282 11.75 -27.74 -21.70
C GLY C 282 11.14 -27.92 -23.08
N ALA C 283 12.01 -28.00 -24.08
CA ALA C 283 11.57 -28.26 -25.44
C ALA C 283 12.76 -28.85 -26.20
N VAL C 284 12.51 -29.93 -26.93
CA VAL C 284 13.57 -30.57 -27.70
C VAL C 284 13.16 -30.62 -29.17
N GLU C 285 14.17 -30.79 -30.02
CA GLU C 285 13.96 -31.01 -31.44
C GLU C 285 14.16 -32.48 -31.76
N VAL C 286 13.12 -33.12 -32.27
CA VAL C 286 13.16 -34.54 -32.63
C VAL C 286 12.54 -34.67 -34.01
N ASN C 287 13.26 -35.29 -34.93
CA ASN C 287 12.85 -35.45 -36.32
C ASN C 287 12.19 -34.18 -36.87
N ASP C 288 12.91 -33.06 -36.71
CA ASP C 288 12.57 -31.76 -37.31
C ASP C 288 11.26 -31.19 -36.76
N MET C 289 10.85 -31.62 -35.58
CA MET C 289 9.75 -31.04 -34.83
C MET C 289 10.30 -30.51 -33.52
N TYR C 290 9.77 -29.39 -33.05
CA TYR C 290 9.99 -28.99 -31.67
C TYR C 290 8.89 -29.60 -30.82
N TYR C 291 9.28 -30.42 -29.85
CA TYR C 291 8.37 -30.93 -28.83
C TYR C 291 8.46 -30.00 -27.62
N VAL C 292 7.39 -29.27 -27.35
CA VAL C 292 7.36 -28.29 -26.26
C VAL C 292 6.51 -28.86 -25.16
N TYR C 293 7.15 -29.26 -24.07
CA TYR C 293 6.43 -29.74 -22.89
C TYR C 293 6.06 -28.55 -22.03
N TYR C 294 4.86 -28.63 -21.44
CA TYR C 294 4.36 -27.48 -20.70
C TYR C 294 3.57 -27.90 -19.48
N GLY C 295 3.83 -27.20 -18.38
CA GLY C 295 2.92 -27.26 -17.27
C GLY C 295 1.58 -26.64 -17.64
N ALA C 296 0.51 -27.20 -17.08
CA ALA C 296 -0.85 -26.73 -17.35
C ALA C 296 -1.52 -26.42 -16.03
N ALA C 297 -1.86 -25.14 -15.81
CA ALA C 297 -2.49 -24.73 -14.57
C ALA C 297 -1.68 -25.16 -13.35
N ASP C 298 -0.37 -25.27 -13.52
CA ASP C 298 0.54 -25.72 -12.47
C ASP C 298 0.08 -27.02 -11.85
N THR C 299 -0.59 -27.86 -12.64
CA THR C 299 -1.19 -29.10 -12.13
C THR C 299 -0.82 -30.32 -12.94
N HIS C 300 -0.79 -30.22 -14.27
CA HIS C 300 -0.48 -31.35 -15.15
C HIS C 300 0.59 -30.93 -16.14
N ILE C 301 1.03 -31.89 -16.94
CA ILE C 301 1.99 -31.63 -18.01
C ILE C 301 1.35 -32.01 -19.34
N GLY C 302 1.39 -31.09 -20.29
CA GLY C 302 1.02 -31.38 -21.66
C GLY C 302 2.24 -31.32 -22.55
N VAL C 303 2.01 -31.64 -23.82
CA VAL C 303 3.03 -31.49 -24.85
C VAL C 303 2.38 -30.93 -26.09
N ALA C 304 3.03 -29.95 -26.71
CA ALA C 304 2.60 -29.40 -27.98
C ALA C 304 3.81 -29.44 -28.91
N VAL C 305 3.55 -29.32 -30.21
CA VAL C 305 4.61 -29.45 -31.22
C VAL C 305 4.47 -28.37 -32.27
N ILE C 306 5.56 -28.15 -32.99
CA ILE C 306 5.52 -27.39 -34.23
C ILE C 306 6.65 -27.89 -35.10
N GLU C 307 6.36 -28.07 -36.38
CA GLU C 307 7.38 -28.44 -37.35
C GLU C 307 8.42 -27.34 -37.42
N LYS C 308 9.69 -27.74 -37.42
CA LYS C 308 10.80 -26.81 -37.54
C LYS C 308 10.60 -25.83 -38.69
N GLU C 309 10.05 -26.32 -39.80
CA GLU C 309 9.92 -25.52 -41.02
C GLU C 309 8.93 -24.39 -40.85
N LYS C 310 7.95 -24.53 -39.95
CA LYS C 310 6.91 -23.52 -39.83
C LYS C 310 7.27 -22.40 -38.86
N VAL C 311 8.49 -22.41 -38.31
CA VAL C 311 8.99 -21.34 -37.48
C VAL C 311 9.49 -20.22 -38.37
N LYS C 312 8.60 -19.28 -38.69
CA LYS C 312 8.87 -18.17 -39.59
C LYS C 312 8.46 -16.87 -38.90
N PHE C 313 9.34 -15.87 -38.92
CA PHE C 313 8.95 -14.60 -38.33
C PHE C 313 8.73 -13.53 -39.40
N MET D 12 -21.10 31.15 17.94
CA MET D 12 -19.88 30.45 18.27
C MET D 12 -19.00 31.30 19.19
N PHE D 13 -18.13 30.64 19.96
CA PHE D 13 -17.16 31.35 20.77
C PHE D 13 -15.77 30.84 20.46
N ARG D 14 -14.76 31.55 20.96
CA ARG D 14 -13.38 31.30 20.57
C ARG D 14 -12.46 31.85 21.64
N LEU D 15 -11.26 31.27 21.70
CA LEU D 15 -10.24 31.72 22.62
C LEU D 15 -9.57 32.98 22.08
N THR D 16 -8.97 33.73 22.99
CA THR D 16 -8.24 34.95 22.64
C THR D 16 -6.86 34.84 23.25
N ARG D 17 -5.84 34.90 22.41
CA ARG D 17 -4.48 34.80 22.90
C ARG D 17 -4.14 35.97 23.82
N LEU D 18 -3.31 35.70 24.80
CA LEU D 18 -2.82 36.73 25.72
C LEU D 18 -1.57 37.42 25.22
N SER D 19 -0.88 36.80 24.25
CA SER D 19 0.36 37.32 23.71
C SER D 19 0.41 36.97 22.24
N ASN D 20 0.93 37.89 21.42
CA ASN D 20 1.25 37.61 20.03
C ASN D 20 2.59 36.93 19.87
N LYS D 21 3.22 36.55 20.97
CA LYS D 21 4.50 35.84 20.99
C LYS D 21 4.39 34.74 22.01
N PRO D 22 5.20 33.68 21.89
CA PRO D 22 5.13 32.59 22.87
C PRO D 22 5.41 33.09 24.28
N ILE D 23 4.88 32.35 25.26
CA ILE D 23 5.26 32.55 26.65
C ILE D 23 6.36 31.58 27.08
N LEU D 24 6.60 30.52 26.32
CA LEU D 24 7.72 29.64 26.55
C LEU D 24 8.30 29.27 25.20
N SER D 25 9.61 29.31 25.09
CA SER D 25 10.27 28.94 23.85
C SER D 25 11.43 28.03 24.17
N PRO D 26 11.93 27.26 23.19
CA PRO D 26 13.06 26.37 23.46
C PRO D 26 14.29 27.15 23.91
N ILE D 27 15.16 26.45 24.62
CA ILE D 27 16.43 27.00 25.10
C ILE D 27 17.53 26.15 24.48
N LYS D 28 18.19 26.70 23.45
CA LYS D 28 19.18 25.92 22.71
C LYS D 28 20.33 25.51 23.62
N GLU D 29 20.59 26.26 24.70
CA GLU D 29 21.60 25.89 25.69
C GLU D 29 21.25 24.62 26.45
N HIS D 30 19.98 24.21 26.45
CA HIS D 30 19.55 23.03 27.18
C HIS D 30 19.23 21.91 26.21
N GLU D 31 19.95 20.79 26.31
CA GLU D 31 19.77 19.71 25.33
C GLU D 31 18.33 19.21 25.32
N TRP D 32 17.76 18.97 26.50
CA TRP D 32 16.46 18.32 26.58
C TRP D 32 15.32 19.21 26.07
N GLU D 33 15.51 20.53 26.02
CA GLU D 33 14.51 21.44 25.45
C GLU D 33 15.15 22.28 24.36
N LYS D 34 16.10 21.69 23.65
CA LYS D 34 16.90 22.40 22.66
C LYS D 34 16.04 22.94 21.52
N GLU D 35 15.11 22.12 21.03
CA GLU D 35 14.39 22.46 19.80
C GLU D 35 12.92 22.82 20.01
N ALA D 36 12.30 22.40 21.10
CA ALA D 36 10.85 22.53 21.16
C ALA D 36 10.39 22.46 22.61
N VAL D 37 9.43 23.32 22.95
CA VAL D 37 8.67 23.20 24.18
C VAL D 37 7.22 23.46 23.82
N PHE D 38 6.33 22.55 24.21
CA PHE D 38 4.97 22.58 23.70
C PHE D 38 4.11 21.65 24.54
N ASN D 39 2.89 21.40 24.03
CA ASN D 39 1.89 20.49 24.56
C ASN D 39 2.08 20.28 26.06
N ALA D 40 1.55 21.22 26.84
CA ALA D 40 1.89 21.35 28.23
C ALA D 40 0.66 21.11 29.10
N ALA D 41 0.84 20.30 30.14
CA ALA D 41 -0.17 20.20 31.17
C ALA D 41 -0.04 21.36 32.15
N VAL D 42 -1.16 21.73 32.75
CA VAL D 42 -1.18 22.81 33.73
C VAL D 42 -2.22 22.45 34.77
N ILE D 43 -1.89 22.69 36.04
CA ILE D 43 -2.91 22.83 37.06
C ILE D 43 -2.59 24.06 37.89
N TYR D 44 -3.63 24.67 38.43
CA TYR D 44 -3.53 25.91 39.20
C TYR D 44 -3.76 25.57 40.67
N GLU D 45 -2.69 25.54 41.47
CA GLU D 45 -2.79 25.12 42.86
C GLU D 45 -2.54 26.31 43.77
N GLY D 46 -1.34 26.48 44.33
CA GLY D 46 -1.12 27.48 45.35
C GLY D 46 -1.11 28.91 44.83
N ASN D 47 -2.24 29.33 44.25
CA ASN D 47 -2.33 30.61 43.52
C ASN D 47 -1.25 30.73 42.44
N LYS D 48 -0.76 29.59 41.95
CA LYS D 48 0.28 29.52 40.94
C LYS D 48 -0.16 28.64 39.78
N PHE D 49 0.33 28.98 38.59
CA PHE D 49 0.17 28.14 37.41
C PHE D 49 1.32 27.16 37.35
N HIS D 50 1.05 25.87 37.52
CA HIS D 50 2.08 24.84 37.42
C HIS D 50 1.99 24.22 36.04
N LEU D 51 2.98 24.52 35.21
CA LEU D 51 2.99 24.12 33.82
C LEU D 51 4.00 22.98 33.65
N PHE D 52 3.56 21.90 33.02
CA PHE D 52 4.41 20.74 32.77
C PHE D 52 4.45 20.51 31.28
N TYR D 53 5.58 20.86 30.65
CA TYR D 53 5.62 21.01 29.21
C TYR D 53 6.47 19.93 28.57
N ARG D 54 5.98 19.42 27.44
CA ARG D 54 6.79 18.56 26.62
C ARG D 54 7.93 19.37 26.05
N ALA D 55 9.12 18.77 26.00
CA ALA D 55 10.29 19.42 25.43
C ALA D 55 11.04 18.40 24.61
N SER D 56 11.57 18.84 23.46
CA SER D 56 12.27 17.94 22.57
C SER D 56 13.68 18.42 22.31
N ASN D 57 14.61 17.48 22.35
CA ASN D 57 16.00 17.75 21.99
C ASN D 57 16.20 17.86 20.48
N ASN D 58 15.18 17.59 19.67
CA ASN D 58 15.38 17.47 18.23
C ASN D 58 14.12 17.86 17.47
N LYS D 59 14.30 18.17 16.19
CA LYS D 59 13.20 18.32 15.25
C LYS D 59 12.46 16.99 15.11
N PHE D 60 11.32 17.02 14.42
CA PHE D 60 10.41 15.87 14.35
C PHE D 60 10.30 15.38 12.91
N VAL D 61 11.17 14.44 12.55
CA VAL D 61 11.01 13.71 11.31
C VAL D 61 9.93 12.65 11.54
N LEU D 62 8.81 12.77 10.82
CA LEU D 62 7.73 11.83 11.00
C LEU D 62 7.45 10.98 9.77
N ASN D 63 8.06 11.29 8.63
CA ASN D 63 7.61 10.72 7.37
C ASN D 63 8.32 9.42 7.03
N THR D 64 9.21 8.94 7.90
CA THR D 64 9.88 7.69 7.65
C THR D 64 8.94 6.52 7.91
N GLU D 65 9.31 5.37 7.35
CA GLU D 65 8.49 4.17 7.49
C GLU D 65 8.38 3.74 8.95
N LYS D 66 9.49 3.75 9.65
CA LYS D 66 9.55 3.57 11.09
C LYS D 66 10.34 4.73 11.67
N PRO D 67 10.24 4.96 12.97
CA PRO D 67 11.12 5.95 13.61
C PRO D 67 12.58 5.51 13.49
N GLU D 68 13.42 6.39 12.95
CA GLU D 68 14.82 6.06 12.70
C GLU D 68 15.70 6.68 13.78
N GLU D 69 16.66 5.89 14.28
CA GLU D 69 17.51 6.38 15.35
C GLU D 69 18.33 7.58 14.91
N LYS D 70 18.71 7.62 13.63
CA LYS D 70 19.43 8.79 13.11
C LYS D 70 18.59 10.05 13.17
N TYR D 71 17.26 9.93 13.20
CA TYR D 71 16.35 11.06 13.36
C TYR D 71 15.63 11.01 14.71
N LYS D 72 16.25 10.37 15.69
CA LYS D 72 15.62 10.23 17.00
C LYS D 72 15.39 11.58 17.65
N PHE D 73 14.19 11.77 18.21
CA PHE D 73 13.95 12.87 19.11
C PHE D 73 13.56 12.31 20.47
N VAL D 74 13.93 13.05 21.51
CA VAL D 74 13.66 12.66 22.89
C VAL D 74 12.78 13.72 23.50
N SER D 75 11.61 13.31 23.95
CA SER D 75 10.70 14.19 24.67
C SER D 75 10.94 14.06 26.17
N SER D 76 10.97 15.20 26.85
CA SER D 76 11.03 15.26 28.30
C SER D 76 9.91 16.16 28.76
N ILE D 77 9.55 16.08 30.04
CA ILE D 77 8.61 17.02 30.63
C ILE D 77 9.39 17.99 31.49
N GLY D 78 9.20 19.28 31.24
CA GLY D 78 9.74 20.32 32.07
C GLY D 78 8.67 20.93 32.96
N TYR D 79 9.13 21.74 33.90
CA TYR D 79 8.25 22.44 34.83
C TYR D 79 8.51 23.94 34.72
N ALA D 80 7.43 24.70 34.75
CA ALA D 80 7.52 26.14 34.85
C ALA D 80 6.35 26.62 35.70
N VAL D 81 6.56 27.74 36.38
CA VAL D 81 5.58 28.24 37.34
C VAL D 81 5.41 29.75 37.10
N SER D 82 4.21 30.23 37.38
CA SER D 82 3.84 31.59 37.04
C SER D 82 2.72 32.02 37.96
N GLU D 83 2.64 33.33 38.23
CA GLU D 83 1.52 33.85 38.99
C GLU D 83 0.49 34.54 38.12
N ASP D 84 0.90 35.13 36.99
CA ASP D 84 -0.04 35.85 36.14
C ASP D 84 -0.52 35.04 34.94
N GLY D 85 0.00 33.84 34.73
CA GLY D 85 -0.34 33.05 33.58
C GLY D 85 0.52 33.29 32.36
N ILE D 86 1.34 34.35 32.36
CA ILE D 86 2.05 34.81 31.17
C ILE D 86 3.55 34.62 31.33
N ASN D 87 4.12 35.07 32.44
CA ASN D 87 5.55 35.00 32.68
C ASN D 87 5.85 33.80 33.56
N PHE D 88 6.77 32.95 33.11
CA PHE D 88 7.05 31.69 33.80
C PHE D 88 8.52 31.60 34.20
N GLU D 89 8.76 31.06 35.39
CA GLU D 89 10.09 30.69 35.83
C GLU D 89 10.34 29.24 35.39
N ARG D 90 11.51 29.00 34.79
CA ARG D 90 11.86 27.70 34.23
C ARG D 90 13.07 27.13 34.97
N PHE D 91 13.50 25.94 34.58
CA PHE D 91 14.48 25.22 35.37
C PHE D 91 15.46 24.49 34.46
N ASP D 92 16.67 24.26 35.00
CA ASP D 92 17.76 23.77 34.17
C ASP D 92 17.49 22.38 33.63
N LYS D 93 16.71 21.59 34.37
CA LYS D 93 16.56 20.18 34.10
C LYS D 93 15.09 19.82 33.99
N PRO D 94 14.77 18.76 33.27
CA PRO D 94 13.39 18.28 33.21
C PRO D 94 12.99 17.56 34.49
N VAL D 95 11.68 17.57 34.73
CA VAL D 95 11.13 16.85 35.88
C VAL D 95 10.80 15.41 35.56
N LEU D 96 10.61 15.07 34.29
CA LEU D 96 10.27 13.72 33.89
C LEU D 96 10.96 13.39 32.58
N VAL D 97 11.59 12.22 32.53
CA VAL D 97 12.19 11.69 31.31
C VAL D 97 11.84 10.21 31.22
N GLY D 98 12.03 9.65 30.02
CA GLY D 98 11.85 8.23 29.83
C GLY D 98 12.98 7.44 30.45
N GLU D 99 12.64 6.46 31.30
CA GLU D 99 13.61 5.66 32.01
C GLU D 99 13.65 4.20 31.57
N ILE D 100 12.67 3.75 30.81
CA ILE D 100 12.57 2.36 30.37
C ILE D 100 12.49 2.36 28.85
N PRO D 101 12.77 1.23 28.21
CA PRO D 101 12.78 1.19 26.74
C PRO D 101 11.49 1.63 26.07
N GLN D 102 10.32 1.40 26.69
CA GLN D 102 9.08 1.88 26.09
C GLN D 102 9.04 3.39 25.99
N GLU D 103 9.89 4.09 26.74
CA GLU D 103 9.97 5.55 26.66
C GLU D 103 11.32 5.99 26.11
N ALA D 104 11.93 5.16 25.27
CA ALA D 104 13.23 5.48 24.70
C ALA D 104 13.19 6.82 23.96
N TRP D 105 12.08 7.15 23.30
CA TRP D 105 11.98 8.45 22.67
C TRP D 105 11.25 9.46 23.53
N GLY D 106 11.04 9.17 24.81
CA GLY D 106 10.61 10.17 25.75
C GLY D 106 9.13 10.09 26.09
N VAL D 107 8.70 11.13 26.81
CA VAL D 107 7.38 11.19 27.41
C VAL D 107 6.69 12.45 26.88
N GLU D 108 5.47 12.28 26.37
CA GLU D 108 4.84 13.29 25.53
C GLU D 108 3.49 13.72 26.08
N ASP D 109 3.14 14.98 25.79
CA ASP D 109 1.77 15.46 25.87
C ASP D 109 1.08 15.18 27.21
N PRO D 110 1.66 15.62 28.32
CA PRO D 110 1.10 15.23 29.62
C PRO D 110 -0.24 15.92 29.85
N ARG D 111 -1.15 15.18 30.48
CA ARG D 111 -2.39 15.74 31.03
C ARG D 111 -2.39 15.41 32.50
N ILE D 112 -2.58 16.42 33.34
CA ILE D 112 -2.57 16.22 34.78
C ILE D 112 -3.97 16.45 35.30
N THR D 113 -4.44 15.49 36.09
CA THR D 113 -5.73 15.56 36.77
C THR D 113 -5.48 15.37 38.26
N LYS D 114 -6.16 16.17 39.08
CA LYS D 114 -6.18 15.96 40.51
C LYS D 114 -7.46 15.22 40.85
N ILE D 115 -7.33 14.07 41.49
CA ILE D 115 -8.46 13.31 42.01
C ILE D 115 -8.18 13.08 43.48
N ASP D 116 -9.20 13.29 44.32
CA ASP D 116 -9.07 13.45 45.79
C ASP D 116 -7.83 14.33 46.01
N ASN D 117 -6.83 13.86 46.76
CA ASN D 117 -5.68 14.71 47.06
C ASN D 117 -4.38 14.16 46.47
N LYS D 118 -4.48 13.61 45.25
CA LYS D 118 -3.32 13.17 44.50
C LYS D 118 -3.41 13.64 43.06
N TYR D 119 -2.25 13.90 42.47
CA TYR D 119 -2.13 14.43 41.12
C TYR D 119 -1.71 13.32 40.17
N TYR D 120 -2.46 13.13 39.10
CA TYR D 120 -2.20 12.07 38.16
C TYR D 120 -1.77 12.69 36.84
N MET D 121 -0.57 12.33 36.40
CA MET D 121 -0.05 12.78 35.12
C MET D 121 -0.12 11.62 34.13
N LEU D 122 -0.90 11.81 33.08
CA LEU D 122 -1.04 10.85 32.00
C LEU D 122 -0.33 11.40 30.77
N TYR D 123 0.64 10.67 30.28
CA TYR D 123 1.43 11.13 29.16
C TYR D 123 1.58 9.96 28.19
N THR D 124 2.16 10.24 27.04
CA THR D 124 2.43 9.21 26.05
C THR D 124 3.88 8.77 26.21
N GLY D 125 4.07 7.47 26.42
CA GLY D 125 5.40 6.93 26.37
C GLY D 125 5.67 6.44 24.96
N PHE D 126 6.70 6.97 24.32
CA PHE D 126 7.05 6.62 22.95
C PHE D 126 8.41 5.92 22.97
N GLY D 127 8.45 4.69 22.47
CA GLY D 127 9.68 3.91 22.46
C GLY D 127 10.45 4.00 21.17
N GLY D 128 9.80 4.48 20.11
CA GLY D 128 10.49 4.69 18.85
C GLY D 128 10.80 3.44 18.07
N ARG D 129 10.25 2.28 18.43
CA ARG D 129 10.57 1.08 17.69
C ARG D 129 9.72 0.95 16.43
N ASP D 130 8.55 1.55 16.43
CA ASP D 130 7.73 1.68 15.23
C ASP D 130 6.75 2.81 15.53
N TRP D 131 5.98 3.21 14.53
CA TRP D 131 5.16 4.39 14.75
C TRP D 131 3.90 4.10 15.58
N LEU D 132 3.62 2.84 15.90
CA LEU D 132 2.59 2.48 16.86
C LEU D 132 3.16 2.18 18.23
N ASP D 133 4.47 2.40 18.41
CA ASP D 133 5.14 2.07 19.66
C ASP D 133 4.97 3.20 20.68
N PHE D 134 3.73 3.57 20.94
CA PHE D 134 3.44 4.58 21.95
C PHE D 134 2.32 4.08 22.87
N ARG D 135 2.40 4.45 24.14
CA ARG D 135 1.45 3.99 25.14
C ARG D 135 1.04 5.14 26.04
N ILE D 136 -0.22 5.12 26.47
CA ILE D 136 -0.61 5.94 27.61
C ILE D 136 0.09 5.42 28.86
N CYS D 137 0.80 6.30 29.56
CA CYS D 137 1.42 5.97 30.83
C CYS D 137 0.94 6.93 31.90
N MET D 138 1.12 6.53 33.14
CA MET D 138 0.66 7.35 34.24
C MET D 138 1.71 7.29 35.34
N VAL D 139 2.00 8.45 35.91
CA VAL D 139 2.62 8.55 37.22
C VAL D 139 1.73 9.46 38.04
N TRP D 140 1.93 9.41 39.35
CA TRP D 140 1.14 10.20 40.26
C TRP D 140 2.08 10.79 41.30
N SER D 141 1.58 11.80 42.01
CA SER D 141 2.35 12.42 43.08
C SER D 141 1.40 12.99 44.10
N ASP D 142 1.87 13.08 45.35
CA ASP D 142 1.16 13.84 46.38
C ASP D 142 1.33 15.33 46.17
N ASP D 143 2.43 15.74 45.55
CA ASP D 143 2.94 17.09 45.70
C ASP D 143 3.30 17.79 44.40
N LEU D 144 3.03 17.19 43.25
CA LEU D 144 3.47 17.68 41.94
C LEU D 144 4.98 17.70 41.78
N LYS D 145 5.72 17.09 42.71
CA LYS D 145 7.17 17.08 42.66
C LYS D 145 7.75 15.69 42.53
N ASN D 146 7.24 14.71 43.27
CA ASN D 146 7.83 13.38 43.31
C ASN D 146 6.85 12.39 42.68
N TRP D 147 7.11 12.08 41.42
CA TRP D 147 6.25 11.20 40.65
C TRP D 147 6.63 9.76 40.90
N LYS D 148 5.61 8.92 41.08
CA LYS D 148 5.76 7.54 41.52
C LYS D 148 4.85 6.66 40.68
N GLY D 149 4.97 5.35 40.91
CA GLY D 149 4.00 4.37 40.45
C GLY D 149 3.76 4.36 38.96
N HIS D 150 4.83 4.41 38.17
CA HIS D 150 4.68 4.42 36.73
C HIS D 150 3.96 3.15 36.23
N ARG D 151 2.97 3.34 35.37
CA ARG D 151 2.30 2.18 34.79
C ARG D 151 1.86 2.51 33.37
N ILE D 152 1.80 1.47 32.55
CA ILE D 152 1.10 1.54 31.27
C ILE D 152 -0.39 1.50 31.57
N VAL D 153 -1.13 2.52 31.13
CA VAL D 153 -2.55 2.60 31.42
C VAL D 153 -3.31 1.61 30.56
N LEU D 154 -3.11 1.66 29.25
CA LEU D 154 -3.66 0.68 28.34
C LEU D 154 -2.50 0.10 27.54
N ASP D 155 -2.46 -1.22 27.42
CA ASP D 155 -1.39 -1.88 26.67
C ASP D 155 -1.79 -1.94 25.21
N GLU D 156 -1.77 -0.79 24.58
CA GLU D 156 -2.22 -0.68 23.21
C GLU D 156 -1.78 0.66 22.65
N PRO D 157 -1.57 0.77 21.34
CA PRO D 157 -1.21 2.07 20.78
C PRO D 157 -2.32 3.06 21.01
N ASN D 158 -2.10 3.97 21.95
CA ASN D 158 -3.14 4.90 22.37
C ASN D 158 -2.46 6.13 22.92
N LYS D 159 -3.21 7.23 22.97
CA LYS D 159 -2.68 8.50 23.45
C LYS D 159 -3.84 9.43 23.71
N ASP D 160 -3.56 10.74 23.82
CA ASP D 160 -4.59 11.74 24.10
C ASP D 160 -5.45 11.31 25.28
N ALA D 161 -4.79 10.96 26.36
CA ALA D 161 -5.46 10.40 27.52
C ALA D 161 -5.57 11.46 28.59
N ALA D 162 -6.68 11.43 29.32
CA ALA D 162 -6.84 12.25 30.51
C ALA D 162 -7.80 11.57 31.46
N LEU D 163 -7.61 11.80 32.75
CA LEU D 163 -8.57 11.38 33.77
C LEU D 163 -9.53 12.52 34.09
N LEU D 164 -10.77 12.16 34.38
CA LEU D 164 -11.70 13.11 34.96
C LEU D 164 -11.27 13.47 36.38
N SER D 165 -11.46 14.74 36.75
CA SER D 165 -11.10 15.22 38.08
C SER D 165 -11.93 14.61 39.20
N GLU D 166 -12.95 13.80 38.91
CA GLU D 166 -13.56 13.02 39.97
C GLU D 166 -14.17 11.75 39.41
N LYS D 167 -14.68 10.94 40.32
CA LYS D 167 -15.25 9.65 39.98
C LYS D 167 -16.73 9.79 39.68
N ILE D 168 -17.19 9.01 38.72
CA ILE D 168 -18.60 8.87 38.41
C ILE D 168 -19.04 7.51 38.92
N ASN D 169 -20.01 7.51 39.83
CA ASN D 169 -20.53 6.26 40.40
C ASN D 169 -19.38 5.45 40.98
N GLY D 170 -18.43 6.14 41.60
CA GLY D 170 -17.28 5.49 42.22
C GLY D 170 -16.23 4.98 41.26
N LYS D 171 -16.34 5.30 39.98
CA LYS D 171 -15.39 4.84 38.97
C LYS D 171 -14.50 6.00 38.53
N TYR D 172 -13.21 5.72 38.42
CA TYR D 172 -12.36 6.63 37.67
C TYR D 172 -12.78 6.63 36.21
N VAL D 173 -12.69 7.79 35.58
CA VAL D 173 -13.07 7.97 34.20
C VAL D 173 -11.83 8.33 33.40
N LEU D 174 -11.60 7.62 32.32
CA LEU D 174 -10.45 7.86 31.45
C LEU D 174 -10.96 8.24 30.08
N PHE D 175 -10.47 9.35 29.56
CA PHE D 175 -10.65 9.67 28.16
C PHE D 175 -9.41 9.21 27.43
N HIS D 176 -9.60 8.49 26.33
CA HIS D 176 -8.46 8.07 25.55
C HIS D 176 -8.86 8.18 24.08
N ARG D 177 -8.08 7.55 23.24
CA ARG D 177 -8.20 7.86 21.83
C ARG D 177 -7.74 6.68 20.99
N ARG D 178 -8.52 5.61 21.00
CA ARG D 178 -8.39 4.65 19.91
C ARG D 178 -8.74 5.39 18.63
N MET D 179 -7.81 5.35 17.70
CA MET D 179 -7.94 6.16 16.51
C MET D 179 -9.24 5.86 15.79
N PRO D 180 -9.99 6.88 15.32
CA PRO D 180 -9.69 8.30 15.41
C PRO D 180 -10.57 9.04 16.40
N ASP D 181 -11.17 8.31 17.33
CA ASP D 181 -12.27 8.84 18.12
C ASP D 181 -11.79 9.19 19.53
N ILE D 182 -12.57 10.05 20.19
CA ILE D 182 -12.40 10.21 21.64
C ILE D 182 -13.19 9.11 22.31
N TRP D 183 -12.51 8.30 23.11
CA TRP D 183 -13.10 7.20 23.85
C TRP D 183 -13.19 7.53 25.32
N ILE D 184 -14.09 6.84 26.01
CA ILE D 184 -14.17 6.88 27.47
C ILE D 184 -14.04 5.46 27.99
N ALA D 185 -13.49 5.34 29.20
CA ALA D 185 -13.46 4.04 29.87
C ALA D 185 -13.54 4.27 31.37
N TYR D 186 -13.79 3.18 32.08
CA TYR D 186 -14.09 3.21 33.51
C TYR D 186 -13.17 2.26 34.25
N SER D 187 -12.84 2.61 35.48
CA SER D 187 -12.01 1.76 36.31
C SER D 187 -12.49 1.81 37.76
N ASP D 188 -12.51 0.64 38.40
CA ASP D 188 -12.67 0.59 39.86
C ASP D 188 -11.39 1.00 40.58
N ASP D 189 -10.22 0.76 39.96
CA ASP D 189 -8.98 0.70 40.71
C ASP D 189 -7.82 1.42 40.04
N LEU D 190 -8.07 2.19 38.98
CA LEU D 190 -7.05 2.89 38.17
C LEU D 190 -6.05 1.93 37.53
N VAL D 191 -6.42 0.68 37.38
CA VAL D 191 -5.51 -0.36 36.91
C VAL D 191 -6.14 -1.00 35.69
N ASN D 192 -7.35 -1.50 35.88
CA ASN D 192 -8.10 -2.19 34.85
C ASN D 192 -9.19 -1.26 34.34
N TRP D 193 -9.29 -1.16 33.01
CA TRP D 193 -10.27 -0.31 32.37
C TRP D 193 -11.28 -1.17 31.62
N TYR D 194 -12.54 -0.75 31.68
CA TYR D 194 -13.62 -1.52 31.08
C TYR D 194 -14.68 -0.56 30.57
N ASN D 195 -15.69 -1.13 29.91
CA ASN D 195 -16.76 -0.37 29.29
C ASN D 195 -16.19 0.78 28.47
N HIS D 196 -15.16 0.44 27.69
CA HIS D 196 -14.66 1.32 26.65
C HIS D 196 -15.77 1.65 25.66
N LYS D 197 -15.92 2.92 25.32
CA LYS D 197 -16.81 3.25 24.22
C LYS D 197 -16.40 4.57 23.60
N ILE D 198 -16.85 4.76 22.37
CA ILE D 198 -16.63 6.00 21.66
C ILE D 198 -17.63 7.03 22.18
N ILE D 199 -17.13 8.18 22.60
CA ILE D 199 -18.04 9.24 22.99
C ILE D 199 -18.10 10.36 21.95
N MET D 200 -17.14 10.43 21.05
CA MET D 200 -17.14 11.53 20.09
C MET D 200 -16.22 11.17 18.94
N SER D 201 -16.64 11.56 17.74
CA SER D 201 -16.01 11.13 16.52
C SER D 201 -15.69 12.33 15.65
N PRO D 202 -14.75 12.20 14.72
CA PRO D 202 -14.51 13.27 13.75
C PRO D 202 -15.77 13.57 12.96
N LYS D 203 -15.75 14.71 12.27
CA LYS D 203 -16.79 15.05 11.31
C LYS D 203 -16.12 15.18 9.95
N SER D 204 -16.52 14.33 9.01
CA SER D 204 -15.81 14.31 7.75
C SER D 204 -16.10 15.58 6.96
N HIS D 205 -15.19 15.92 6.04
CA HIS D 205 -15.29 17.13 5.26
C HIS D 205 -15.33 18.40 6.12
N THR D 206 -14.62 18.41 7.24
CA THR D 206 -14.51 19.60 8.06
C THR D 206 -13.08 19.70 8.59
N TRP D 207 -12.83 20.76 9.36
CA TRP D 207 -11.53 20.92 9.99
C TRP D 207 -11.19 19.78 10.94
N GLU D 208 -12.19 18.99 11.36
CA GLU D 208 -11.98 17.92 12.33
C GLU D 208 -12.29 16.56 11.72
N SER D 209 -11.83 16.35 10.48
CA SER D 209 -12.20 15.19 9.69
C SER D 209 -11.30 13.98 9.91
N LYS D 210 -10.01 14.17 10.16
CA LYS D 210 -9.10 13.03 10.17
C LYS D 210 -9.11 12.30 11.50
N LYS D 211 -9.05 13.04 12.59
CA LYS D 211 -9.09 12.46 13.91
C LYS D 211 -9.31 13.59 14.89
N ILE D 212 -9.71 13.20 16.11
CA ILE D 212 -9.92 14.12 17.21
C ILE D 212 -9.34 13.47 18.45
N GLY D 213 -9.04 14.29 19.43
CA GLY D 213 -8.53 13.82 20.69
C GLY D 213 -8.78 14.87 21.73
N ILE D 214 -8.94 14.42 22.98
CA ILE D 214 -9.16 15.37 24.06
C ILE D 214 -7.98 16.33 24.14
N ALA D 215 -8.26 17.55 24.56
CA ALA D 215 -7.20 18.48 24.90
C ALA D 215 -6.78 18.22 26.34
N GLY D 216 -6.97 19.21 27.22
CA GLY D 216 -6.73 19.00 28.61
C GLY D 216 -7.86 18.19 29.24
N PRO D 217 -7.70 17.86 30.52
CA PRO D 217 -8.76 17.16 31.24
C PRO D 217 -10.01 18.02 31.29
N PRO D 218 -11.19 17.42 31.18
CA PRO D 218 -12.42 18.22 31.18
C PRO D 218 -12.51 19.10 32.42
N ILE D 219 -13.10 20.28 32.24
CA ILE D 219 -13.26 21.27 33.31
C ILE D 219 -14.72 21.28 33.72
N LYS D 220 -14.97 20.98 34.99
CA LYS D 220 -16.34 20.93 35.50
C LYS D 220 -17.00 22.30 35.44
N ARG D 221 -18.19 22.35 34.86
CA ARG D 221 -19.07 23.51 34.92
C ARG D 221 -20.39 23.11 35.53
N GLU D 222 -21.24 24.11 35.75
CA GLU D 222 -22.57 23.81 36.25
C GLU D 222 -23.44 23.14 35.19
N ASP D 223 -23.22 23.47 33.91
CA ASP D 223 -24.02 22.92 32.84
C ASP D 223 -23.41 21.67 32.20
N GLY D 224 -22.29 21.18 32.71
CA GLY D 224 -21.66 20.00 32.16
C GLY D 224 -20.15 20.07 32.35
N TRP D 225 -19.46 19.11 31.75
CA TRP D 225 -18.00 19.12 31.72
C TRP D 225 -17.54 19.75 30.42
N LEU D 226 -16.69 20.79 30.53
CA LEU D 226 -16.14 21.44 29.35
C LEU D 226 -15.06 20.55 28.75
N LEU D 227 -15.24 20.16 27.48
CA LEU D 227 -14.35 19.23 26.80
C LEU D 227 -13.70 20.00 25.66
N ILE D 228 -12.56 20.62 25.94
CA ILE D 228 -11.75 21.13 24.85
C ILE D 228 -11.11 19.94 24.17
N TYR D 229 -11.01 19.99 22.85
CA TYR D 229 -10.41 18.90 22.11
C TYR D 229 -9.67 19.48 20.91
N HIS D 230 -8.76 18.69 20.37
CA HIS D 230 -8.14 19.05 19.12
C HIS D 230 -8.75 18.21 18.01
N GLY D 231 -8.93 18.85 16.85
CA GLY D 231 -9.34 18.16 15.66
C GLY D 231 -8.24 18.30 14.63
N VAL D 232 -8.13 17.31 13.76
CA VAL D 232 -7.10 17.30 12.73
C VAL D 232 -7.82 17.22 11.40
N ASP D 233 -7.40 18.06 10.45
CA ASP D 233 -8.09 18.03 9.17
C ASP D 233 -7.34 17.10 8.23
N ASN D 234 -7.77 17.05 6.98
CA ASN D 234 -7.18 16.13 6.01
C ASN D 234 -5.72 16.43 5.72
N ASN D 235 -5.28 17.67 5.98
CA ASN D 235 -3.90 18.05 5.75
C ASN D 235 -3.13 18.20 7.05
N ASN D 236 -3.63 17.57 8.12
CA ASN D 236 -2.96 17.45 9.40
C ASN D 236 -2.84 18.75 10.16
N VAL D 237 -3.68 19.73 9.84
CA VAL D 237 -3.77 20.92 10.68
C VAL D 237 -4.41 20.53 12.01
N TYR D 238 -3.76 20.88 13.11
CA TYR D 238 -4.35 20.70 14.43
C TYR D 238 -4.99 22.02 14.85
N ARG D 239 -6.27 21.96 15.15
CA ARG D 239 -7.03 23.08 15.68
C ARG D 239 -7.76 22.60 16.93
N LEU D 240 -8.14 23.54 17.77
CA LEU D 240 -8.85 23.24 19.01
C LEU D 240 -10.34 23.45 18.78
N GLY D 241 -11.14 22.50 19.27
CA GLY D 241 -12.58 22.62 19.33
C GLY D 241 -13.06 22.51 20.76
N VAL D 242 -14.38 22.62 20.94
CA VAL D 242 -14.90 22.55 22.30
C VAL D 242 -16.25 21.85 22.28
N ALA D 243 -16.47 21.04 23.30
CA ALA D 243 -17.74 20.34 23.46
C ALA D 243 -18.08 20.31 24.94
N LEU D 244 -19.33 19.93 25.23
CA LEU D 244 -19.85 19.90 26.58
C LEU D 244 -20.34 18.50 26.88
N LEU D 245 -19.90 17.94 28.01
CA LEU D 245 -20.34 16.61 28.42
C LEU D 245 -21.42 16.73 29.47
N ASP D 246 -22.34 15.76 29.49
CA ASP D 246 -23.32 15.76 30.56
C ASP D 246 -22.62 15.72 31.90
N LEU D 247 -23.13 16.49 32.86
CA LEU D 247 -22.42 16.62 34.13
C LEU D 247 -22.37 15.28 34.86
N LYS D 248 -23.48 14.55 34.88
CA LYS D 248 -23.56 13.31 35.63
C LYS D 248 -23.07 12.12 34.83
N ASP D 249 -23.18 12.17 33.51
CA ASP D 249 -22.70 11.12 32.61
C ASP D 249 -21.76 11.75 31.60
N PRO D 250 -20.48 11.93 31.94
CA PRO D 250 -19.53 12.56 31.01
C PRO D 250 -19.26 11.73 29.75
N SER D 251 -19.92 10.57 29.60
CA SER D 251 -19.85 9.86 28.34
C SER D 251 -20.77 10.45 27.29
N LYS D 252 -21.70 11.32 27.68
CA LYS D 252 -22.66 11.89 26.75
C LYS D 252 -22.22 13.30 26.40
N VAL D 253 -21.95 13.54 25.13
CA VAL D 253 -21.73 14.89 24.64
C VAL D 253 -23.10 15.55 24.51
N ILE D 254 -23.30 16.64 25.24
CA ILE D 254 -24.59 17.34 25.15
C ILE D 254 -24.54 18.53 24.21
N ALA D 255 -23.35 19.05 23.90
CA ALA D 255 -23.19 20.10 22.92
C ALA D 255 -21.79 20.02 22.35
N ARG D 256 -21.62 20.57 21.15
CA ARG D 256 -20.33 20.55 20.46
C ARG D 256 -20.31 21.72 19.50
N GLN D 257 -19.38 22.65 19.69
CA GLN D 257 -19.32 23.78 18.78
C GLN D 257 -18.85 23.32 17.41
N LYS D 258 -19.53 23.82 16.38
CA LYS D 258 -19.22 23.45 15.01
C LYS D 258 -17.85 23.94 14.60
N GLU D 259 -17.48 25.20 14.98
CA GLU D 259 -16.22 25.79 14.55
C GLU D 259 -15.19 25.77 15.67
N PRO D 260 -13.91 25.78 15.32
CA PRO D 260 -12.87 25.70 16.35
C PRO D 260 -12.85 26.94 17.25
N ILE D 261 -12.16 26.79 18.39
CA ILE D 261 -11.96 27.89 19.31
C ILE D 261 -10.54 28.42 19.25
N LEU D 262 -9.67 27.74 18.52
CA LEU D 262 -8.28 28.11 18.32
C LEU D 262 -7.80 27.36 17.10
N GLU D 263 -7.13 28.07 16.20
CA GLU D 263 -6.50 27.48 15.03
C GLU D 263 -5.21 28.22 14.79
N PRO D 264 -4.26 27.64 14.07
CA PRO D 264 -3.03 28.36 13.77
C PRO D 264 -3.35 29.66 13.08
N GLU D 265 -2.84 30.76 13.64
CA GLU D 265 -3.04 32.08 13.07
C GLU D 265 -1.72 32.83 13.05
N LEU D 266 -1.02 32.85 14.18
CA LEU D 266 0.24 33.56 14.28
C LEU D 266 1.34 32.75 13.61
N ASP D 267 2.42 33.46 13.22
CA ASP D 267 3.47 32.82 12.43
C ASP D 267 4.09 31.65 13.18
N TRP D 268 4.24 31.76 14.49
CA TRP D 268 4.86 30.70 15.26
C TRP D 268 3.87 29.58 15.61
N GLU D 269 2.61 29.70 15.18
CA GLU D 269 1.65 28.61 15.17
C GLU D 269 1.55 27.94 13.81
N ILE D 270 1.61 28.74 12.74
CA ILE D 270 1.57 28.22 11.40
C ILE D 270 2.92 27.62 11.03
N ASN D 271 4.00 28.33 11.32
CA ASN D 271 5.35 27.90 10.98
C ASN D 271 6.02 27.34 12.22
N GLY D 272 6.87 26.35 12.02
CA GLY D 272 7.57 25.73 13.12
C GLY D 272 7.91 24.27 12.79
N LEU D 273 8.30 23.54 13.84
CA LEU D 273 8.79 22.18 13.66
C LEU D 273 7.72 21.29 13.06
N VAL D 274 6.49 21.42 13.51
CA VAL D 274 5.34 20.77 12.89
C VAL D 274 4.35 21.86 12.51
N PRO D 275 4.36 22.33 11.27
CA PRO D 275 3.57 23.52 10.93
C PRO D 275 2.09 23.29 11.18
N ASN D 276 1.38 24.40 11.39
CA ASN D 276 -0.08 24.39 11.38
C ASN D 276 -0.62 23.57 12.54
N VAL D 277 -0.11 23.83 13.73
CA VAL D 277 -0.55 23.12 14.93
C VAL D 277 -0.79 24.11 16.07
N VAL D 278 -1.99 24.04 16.66
CA VAL D 278 -2.21 24.45 18.04
C VAL D 278 -2.75 23.23 18.76
N PHE D 279 -2.38 23.09 20.03
CA PHE D 279 -2.62 21.83 20.72
C PHE D 279 -2.53 22.10 22.22
N SER D 280 -3.57 21.76 22.96
CA SER D 280 -3.54 21.98 24.40
C SER D 280 -3.57 20.66 25.13
N CYS D 281 -2.73 20.56 26.17
CA CYS D 281 -2.73 19.45 27.10
C CYS D 281 -3.21 19.89 28.45
N GLY D 282 -3.62 21.15 28.57
CA GLY D 282 -3.90 21.73 29.86
C GLY D 282 -4.64 23.04 29.77
N ALA D 283 -5.63 23.20 30.64
CA ALA D 283 -6.36 24.44 30.78
C ALA D 283 -6.94 24.45 32.18
N VAL D 284 -7.00 25.64 32.78
CA VAL D 284 -7.48 25.77 34.15
C VAL D 284 -8.38 26.98 34.25
N GLU D 285 -9.34 26.87 35.16
CA GLU D 285 -10.22 27.99 35.49
C GLU D 285 -9.51 28.88 36.51
N VAL D 286 -9.41 30.16 36.20
CA VAL D 286 -8.74 31.15 37.05
C VAL D 286 -9.45 32.47 36.87
N ASN D 287 -10.00 33.01 37.97
CA ASN D 287 -10.64 34.33 37.97
C ASN D 287 -11.71 34.42 36.89
N ASP D 288 -12.65 33.46 36.93
CA ASP D 288 -13.77 33.39 35.98
C ASP D 288 -13.31 33.37 34.53
N MET D 289 -12.10 32.88 34.30
CA MET D 289 -11.57 32.72 32.95
C MET D 289 -10.96 31.33 32.81
N TYR D 290 -11.02 30.82 31.60
CA TYR D 290 -10.34 29.58 31.27
C TYR D 290 -9.01 29.95 30.63
N TYR D 291 -7.92 29.51 31.24
CA TYR D 291 -6.58 29.71 30.68
C TYR D 291 -6.19 28.44 29.93
N VAL D 292 -6.13 28.53 28.60
CA VAL D 292 -5.78 27.40 27.75
C VAL D 292 -4.35 27.57 27.27
N TYR D 293 -3.43 26.80 27.84
CA TYR D 293 -2.06 26.75 27.35
C TYR D 293 -1.96 25.78 26.17
N TYR D 294 -1.23 26.18 25.15
CA TYR D 294 -1.20 25.37 23.96
C TYR D 294 0.21 25.30 23.37
N GLY D 295 0.59 24.12 22.91
CA GLY D 295 1.70 24.01 21.99
C GLY D 295 1.35 24.66 20.67
N ALA D 296 2.38 25.23 20.01
CA ALA D 296 2.24 25.88 18.71
C ALA D 296 3.29 25.33 17.77
N ALA D 297 2.85 24.77 16.65
CA ALA D 297 3.74 24.16 15.67
C ALA D 297 4.69 23.17 16.33
N ASP D 298 4.27 22.60 17.45
CA ASP D 298 5.09 21.68 18.24
C ASP D 298 6.46 22.29 18.56
N THR D 299 6.50 23.61 18.71
CA THR D 299 7.74 24.33 18.95
C THR D 299 7.67 25.29 20.14
N HIS D 300 6.55 25.99 20.30
CA HIS D 300 6.42 27.00 21.34
C HIS D 300 5.16 26.73 22.15
N ILE D 301 5.08 27.39 23.31
CA ILE D 301 3.87 27.39 24.12
C ILE D 301 3.33 28.80 24.09
N GLY D 302 2.05 28.93 23.73
CA GLY D 302 1.30 30.15 23.89
C GLY D 302 0.18 29.93 24.90
N VAL D 303 -0.64 30.96 25.07
CA VAL D 303 -1.76 30.85 26.00
C VAL D 303 -2.89 31.74 25.49
N ALA D 304 -4.09 31.20 25.50
CA ALA D 304 -5.28 31.93 25.13
C ALA D 304 -6.33 31.68 26.20
N VAL D 305 -7.27 32.61 26.31
CA VAL D 305 -8.24 32.57 27.38
C VAL D 305 -9.63 32.77 26.80
N ILE D 306 -10.63 32.48 27.62
CA ILE D 306 -11.99 32.93 27.38
C ILE D 306 -12.67 33.14 28.73
N GLU D 307 -13.41 34.24 28.84
CA GLU D 307 -14.23 34.45 30.02
C GLU D 307 -15.28 33.34 30.06
N LYS D 308 -15.39 32.66 31.20
CA LYS D 308 -16.29 31.52 31.25
C LYS D 308 -17.72 31.93 30.95
N GLU D 309 -18.09 33.17 31.26
CA GLU D 309 -19.43 33.65 30.95
C GLU D 309 -19.72 33.53 29.45
N LYS D 310 -18.68 33.60 28.61
CA LYS D 310 -18.91 33.60 27.17
C LYS D 310 -18.97 32.20 26.57
N VAL D 311 -18.76 31.15 27.39
CA VAL D 311 -18.84 29.78 26.92
C VAL D 311 -20.30 29.37 26.84
N LYS D 312 -20.91 29.57 25.68
CA LYS D 312 -22.30 29.17 25.44
C LYS D 312 -22.35 28.33 24.17
N PHE D 313 -23.35 27.45 24.10
CA PHE D 313 -23.40 26.52 22.97
C PHE D 313 -24.65 26.68 22.11
C1 MAN E . -12.98 -11.12 10.64
C2 MAN E . -14.30 -10.73 11.31
C3 MAN E . -14.86 -11.81 12.21
C4 MAN E . -14.71 -13.15 11.50
C5 MAN E . -13.25 -13.51 11.37
C6 MAN E . -13.11 -14.73 10.47
O1 MAN E . -12.00 -10.15 11.01
O2 MAN E . -15.24 -10.45 10.27
O3 MAN E . -16.24 -11.53 12.42
O4 MAN E . -15.29 -14.16 12.32
O5 MAN E . -12.46 -12.45 10.81
O6 MAN E . -13.51 -14.37 9.15
C1 GOL F . -14.92 -26.79 -5.14
O1 GOL F . -15.48 -25.45 -5.13
C2 GOL F . -15.53 -27.74 -4.11
O2 GOL F . -16.11 -28.89 -4.76
C3 GOL F . -14.50 -28.20 -3.06
O3 GOL F . -15.07 -28.40 -1.74
C1 PGE G . -37.45 -22.11 9.42
O1 PGE G . -38.53 -21.16 9.45
C2 PGE G . -36.60 -21.80 8.21
O2 PGE G . -37.38 -21.82 7.00
C3 PGE G . -36.50 -21.79 5.88
C4 PGE G . -36.71 -20.53 5.06
O4 PGE G . -40.30 -20.38 2.69
C6 PGE G . -39.22 -19.44 2.65
C5 PGE G . -37.92 -20.06 3.13
O3 PGE G . -38.01 -20.54 4.46
ZN ZN H . -14.77 -7.33 3.84
ZN ZN I . -17.27 -24.78 4.47
ZN ZN J . -15.71 11.63 1.95
ZN ZN K . -36.75 -19.64 21.24
C1 MAN L . 17.77 6.45 -4.19
C2 MAN L . 18.19 6.72 -5.64
C3 MAN L . 19.69 7.01 -5.72
C4 MAN L . 20.06 8.10 -4.73
C5 MAN L . 19.63 7.71 -3.33
C6 MAN L . 19.87 8.86 -2.38
O1 MAN L . 18.31 5.23 -3.69
O2 MAN L . 17.42 7.83 -6.16
O3 MAN L . 20.10 7.44 -7.03
O4 MAN L . 21.46 8.33 -4.78
O5 MAN L . 18.21 7.52 -3.34
O6 MAN L . 18.93 9.90 -2.75
ZN ZN M . -0.11 8.04 0.07
ZN ZN N . 38.22 16.74 -20.12
ZN ZN O . 22.41 20.61 1.25
ZN ZN P . -4.61 -4.41 -4.76
ZN ZN Q . 11.00 10.06 -7.38
C1 MAN R . 5.52 -17.98 -8.01
C2 MAN R . 5.16 -19.33 -8.64
C3 MAN R . 5.24 -20.46 -7.63
C4 MAN R . 6.61 -20.44 -6.94
C5 MAN R . 6.83 -19.08 -6.28
C6 MAN R . 8.21 -19.01 -5.64
O1 MAN R . 4.48 -17.53 -7.11
O2 MAN R . 6.06 -19.60 -9.71
O3 MAN R . 5.05 -21.72 -8.29
O4 MAN R . 6.70 -21.50 -5.97
O5 MAN R . 6.75 -18.06 -7.28
O6 MAN R . 9.19 -19.27 -6.64
OH2 1PE S . 20.14 -40.90 -6.78
C12 1PE S . 18.92 -40.13 -6.72
C22 1PE S . 17.84 -40.84 -5.88
OH3 1PE S . 16.58 -40.66 -6.53
C13 1PE S . 14.58 -41.72 -7.35
C23 1PE S . 15.65 -41.69 -6.24
OH4 1PE S . 15.09 -42.48 -8.45
C14 1PE S . 14.89 -43.42 -10.61
C24 1PE S . 14.23 -42.50 -9.58
OH5 1PE S . 15.02 -42.69 -11.82
C15 1PE S . 16.44 -41.39 -13.21
C25 1PE S . 16.38 -42.52 -12.18
OH6 1PE S . 17.69 -41.44 -13.89
C16 1PE S . 18.45 -41.98 -16.04
C26 1PE S . 17.62 -40.97 -15.24
OH7 1PE S . 19.15 -41.34 -17.11
ZN ZN T . 8.47 -16.70 -15.17
ZN ZN U . 19.72 -24.30 -4.12
ZN ZN V . -0.96 1.46 -19.13
ZN ZN W . 3.21 -45.80 -5.94
ZN ZN X . -9.80 -20.02 -26.70
C1 MAN Y . 2.76 11.78 16.53
C2 MAN Y . 3.02 13.13 17.17
C3 MAN Y . 4.47 13.17 17.68
C4 MAN Y . 4.68 12.02 18.66
C5 MAN Y . 4.39 10.71 17.95
C6 MAN Y . 4.56 9.52 18.89
O1 MAN Y . 3.60 11.64 15.37
O2 MAN Y . 2.09 13.34 18.24
O3 MAN Y . 4.74 14.41 18.35
O4 MAN Y . 5.99 12.06 19.20
O5 MAN Y . 3.05 10.72 17.46
O6 MAN Y . 3.70 9.70 20.02
C1 PGE Z . 12.79 21.05 38.43
O1 PGE Z . 13.89 20.13 38.32
C2 PGE Z . 12.58 21.42 39.89
O2 PGE Z . 11.29 22.00 40.04
C3 PGE Z . 10.41 21.17 40.82
C4 PGE Z . 8.98 21.55 40.42
O4 PGE Z . 5.34 22.37 43.23
C6 PGE Z . 5.83 21.58 42.14
C5 PGE Z . 7.31 21.88 41.98
O3 PGE Z . 7.98 20.90 41.19
ZN ZN AA . 20.68 27.15 31.56
ZN ZN BA . -4.33 13.83 19.32
ZN ZN CA . 5.69 4.48 30.34
#